data_2IML
#
_entry.id   2IML
#
_cell.length_a   48.042
_cell.length_b   103.182
_cell.length_c   103.842
_cell.angle_alpha   90.00
_cell.angle_beta   97.01
_cell.angle_gamma   90.00
#
_symmetry.space_group_name_H-M   'P 1 21 1'
#
loop_
_entity.id
_entity.type
_entity.pdbx_description
1 polymer 'Hypothetical protein'
2 non-polymer 'FLAVIN MONONUCLEOTIDE'
3 non-polymer GLYCEROL
4 water water
#
_entity_poly.entity_id   1
_entity_poly.type   'polypeptide(L)'
_entity_poly.pdbx_seq_one_letter_code
;(MSE)SLRLADFGFTDGINEIIAITENEDGSWNAAPIGIIVEDSSSDTAKAKLYRNRTRANLERSGVLFANVTDDALVFA
VSSFGNLNDDWYASPNPPIIKGA(MSE)AWCRFEAE(MSE)RSGVAHLKLTDGEIIEKRVRAINRGLSAVIEALVHATRY
VAIKSDERRKELLERIHYYREIVQKCGSEREKRAFEII(MSE)EKIGEGHHHHHH
;
_entity_poly.pdbx_strand_id   A,B,C,D
#
loop_
_chem_comp.id
_chem_comp.type
_chem_comp.name
_chem_comp.formula
FMN non-polymer 'FLAVIN MONONUCLEOTIDE' 'C17 H21 N4 O9 P'
GOL non-polymer GLYCEROL 'C3 H8 O3'
#
# COMPACT_ATOMS: atom_id res chain seq x y z
N LEU A 3 -4.02 1.47 -6.70
CA LEU A 3 -3.80 2.83 -6.15
C LEU A 3 -3.40 3.82 -7.24
N ARG A 4 -3.61 5.11 -6.96
CA ARG A 4 -3.25 6.19 -7.91
C ARG A 4 -2.23 7.11 -7.24
N LEU A 5 -1.14 7.38 -7.95
CA LEU A 5 -0.08 8.25 -7.42
C LEU A 5 -0.62 9.62 -7.02
N ALA A 6 -1.53 10.16 -7.82
CA ALA A 6 -2.16 11.46 -7.55
C ALA A 6 -2.81 11.56 -6.17
N ASP A 7 -3.25 10.42 -5.64
CA ASP A 7 -3.96 10.41 -4.35
C ASP A 7 -3.03 10.52 -3.15
N PHE A 8 -1.71 10.50 -3.41
CA PHE A 8 -0.72 10.60 -2.33
C PHE A 8 0.20 11.80 -2.53
N GLY A 9 -0.19 12.71 -3.43
CA GLY A 9 0.52 13.98 -3.62
C GLY A 9 1.51 14.04 -4.76
N PHE A 10 1.53 13.01 -5.60
CA PHE A 10 2.39 12.98 -6.77
C PHE A 10 1.68 13.56 -7.99
N THR A 11 2.42 14.30 -8.81
CA THR A 11 1.92 14.74 -10.11
C THR A 11 2.80 14.11 -11.19
N ASP A 12 2.39 14.22 -12.44
CA ASP A 12 3.32 13.94 -13.53
C ASP A 12 4.50 14.91 -13.41
N GLY A 13 5.66 14.50 -13.91
CA GLY A 13 6.89 15.27 -13.73
C GLY A 13 7.80 14.56 -12.74
N ILE A 14 8.58 15.32 -11.99
CA ILE A 14 9.48 14.74 -10.98
C ILE A 14 9.07 15.27 -9.60
N ASN A 15 8.90 14.34 -8.67
CA ASN A 15 8.40 14.63 -7.34
C ASN A 15 9.54 14.42 -6.35
N GLU A 16 9.98 15.49 -5.69
CA GLU A 16 11.10 15.35 -4.78
C GLU A 16 10.54 14.91 -3.44
N ILE A 17 10.94 13.72 -3.01
CA ILE A 17 10.44 13.13 -1.76
C ILE A 17 11.60 12.59 -0.93
N ILE A 18 11.31 12.14 0.28
CA ILE A 18 12.33 11.46 1.07
C ILE A 18 12.20 9.96 0.91
N ALA A 19 13.24 9.34 0.36
CA ALA A 19 13.27 7.91 0.08
C ALA A 19 13.84 7.20 1.28
N ILE A 20 13.06 6.29 1.85
CA ILE A 20 13.47 5.56 3.04
C ILE A 20 13.61 4.08 2.66
N THR A 21 14.79 3.53 2.92
CA THR A 21 15.11 2.17 2.52
C THR A 21 15.85 1.47 3.65
N GLU A 22 15.80 0.14 3.66
CA GLU A 22 16.32 -0.65 4.78
C GLU A 22 17.79 -0.96 4.56
N ASN A 23 18.60 -0.60 5.56
CA ASN A 23 20.03 -0.93 5.57
C ASN A 23 20.24 -2.41 5.88
N GLU A 24 21.45 -2.89 5.65
CA GLU A 24 21.83 -4.29 5.94
C GLU A 24 21.51 -4.70 7.38
N ASP A 25 21.66 -3.77 8.31
CA ASP A 25 21.41 -4.05 9.72
C ASP A 25 19.97 -3.81 10.19
N GLY A 26 19.07 -3.54 9.24
CA GLY A 26 17.66 -3.32 9.55
C GLY A 26 17.26 -1.89 9.88
N SER A 27 18.25 -1.02 10.07
CA SER A 27 17.98 0.40 10.29
C SER A 27 17.52 1.05 9.00
N TRP A 28 16.91 2.23 9.13
CA TRP A 28 16.46 2.99 7.95
C TRP A 28 17.53 3.96 7.47
N ASN A 29 17.60 4.10 6.15
CA ASN A 29 18.37 5.14 5.47
C ASN A 29 17.39 6.11 4.81
N ALA A 30 17.61 7.41 4.95
CA ALA A 30 16.70 8.40 4.36
C ALA A 30 17.50 9.34 3.49
N ALA A 31 17.03 9.58 2.27
CA ALA A 31 17.70 10.47 1.34
C ALA A 31 16.69 11.08 0.37
N PRO A 32 16.85 12.36 0.01
CA PRO A 32 15.96 12.89 -1.02
C PRO A 32 16.21 12.25 -2.38
N ILE A 33 15.12 11.92 -3.08
CA ILE A 33 15.19 11.32 -4.40
C ILE A 33 14.01 11.87 -5.19
N GLY A 34 14.17 12.02 -6.51
CA GLY A 34 13.06 12.43 -7.36
C GLY A 34 12.35 11.21 -7.91
N ILE A 35 11.04 11.12 -7.67
CA ILE A 35 10.24 10.07 -8.28
C ILE A 35 9.56 10.60 -9.55
N ILE A 36 9.88 9.95 -10.67
CA ILE A 36 9.52 10.41 -12.02
C ILE A 36 8.19 9.76 -12.38
N VAL A 37 7.21 10.58 -12.74
CA VAL A 37 5.86 10.09 -12.99
C VAL A 37 5.39 10.55 -14.37
N GLU A 38 4.94 9.60 -15.19
CA GLU A 38 4.41 9.92 -16.51
C GLU A 38 2.90 10.13 -16.43
N ASP A 39 2.25 9.36 -15.56
CA ASP A 39 0.78 9.38 -15.45
C ASP A 39 0.38 9.21 -14.00
N SER A 40 -0.04 10.29 -13.36
CA SER A 40 -0.36 10.29 -11.93
C SER A 40 -1.63 9.51 -11.60
N SER A 41 -2.40 9.16 -12.63
CA SER A 41 -3.58 8.32 -12.42
C SER A 41 -3.17 6.84 -12.25
N SER A 42 -1.91 6.54 -12.60
CA SER A 42 -1.39 5.17 -12.56
C SER A 42 -0.72 4.82 -11.22
N ASP A 43 -0.24 3.58 -11.10
CA ASP A 43 0.50 3.15 -9.92
C ASP A 43 1.97 2.92 -10.23
N THR A 44 2.42 3.39 -11.38
CA THR A 44 3.81 3.14 -11.77
C THR A 44 4.63 4.43 -11.88
N ALA A 45 5.90 4.31 -11.53
CA ALA A 45 6.81 5.43 -11.54
C ALA A 45 8.24 4.91 -11.68
N LYS A 46 9.20 5.82 -11.72
CA LYS A 46 10.60 5.45 -11.86
C LYS A 46 11.46 6.42 -11.05
N ALA A 47 12.67 5.99 -10.71
CA ALA A 47 13.69 6.87 -10.13
C ALA A 47 15.03 6.53 -10.76
N LYS A 48 15.83 7.55 -11.02
CA LYS A 48 17.17 7.33 -11.57
C LYS A 48 18.13 7.56 -10.42
N LEU A 49 18.95 6.55 -10.14
CA LEU A 49 19.80 6.59 -8.95
C LEU A 49 21.27 6.40 -9.30
N TYR A 50 22.11 7.29 -8.79
CA TYR A 50 23.56 7.07 -8.78
C TYR A 50 23.90 5.97 -7.77
N ARG A 51 25.18 5.60 -7.67
CA ARG A 51 25.59 4.50 -6.80
C ARG A 51 25.67 4.97 -5.35
N ASN A 52 24.49 5.11 -4.74
CA ASN A 52 24.36 5.61 -3.38
C ASN A 52 23.73 4.52 -2.47
N ARG A 53 23.57 4.85 -1.20
CA ARG A 53 22.98 3.89 -0.25
C ARG A 53 21.56 3.46 -0.62
N THR A 54 20.77 4.42 -1.12
CA THR A 54 19.39 4.12 -1.54
C THR A 54 19.40 3.01 -2.60
N ARG A 55 20.21 3.17 -3.64
CA ARG A 55 20.32 2.18 -4.69
C ARG A 55 20.78 0.80 -4.16
N ALA A 56 21.82 0.81 -3.31
CA ALA A 56 22.37 -0.45 -2.78
C ALA A 56 21.32 -1.15 -1.96
N ASN A 57 20.57 -0.38 -1.19
CA ASN A 57 19.50 -0.96 -0.37
C ASN A 57 18.38 -1.54 -1.22
N LEU A 58 18.02 -0.85 -2.30
CA LEU A 58 16.96 -1.35 -3.20
C LEU A 58 17.38 -2.62 -3.94
N GLU A 59 18.65 -2.71 -4.31
CA GLU A 59 19.17 -3.94 -4.94
C GLU A 59 18.98 -5.14 -4.01
N ARG A 60 19.03 -4.90 -2.70
CA ARG A 60 18.94 -5.97 -1.72
C ARG A 60 17.48 -6.33 -1.40
N SER A 61 16.61 -5.31 -1.36
CA SER A 61 15.26 -5.50 -0.81
C SER A 61 14.10 -5.27 -1.77
N GLY A 62 14.32 -4.43 -2.78
CA GLY A 62 13.25 -4.06 -3.70
C GLY A 62 12.05 -3.37 -3.06
N VAL A 63 12.29 -2.68 -1.95
CA VAL A 63 11.22 -1.93 -1.27
C VAL A 63 11.67 -0.50 -1.02
N LEU A 64 10.88 0.44 -1.53
CA LEU A 64 11.14 1.85 -1.32
C LEU A 64 9.95 2.47 -0.57
N PHE A 65 10.20 3.08 0.57
CA PHE A 65 9.19 3.92 1.20
C PHE A 65 9.46 5.38 0.82
N ALA A 66 8.40 6.12 0.55
CA ALA A 66 8.53 7.54 0.24
C ALA A 66 7.78 8.31 1.30
N ASN A 67 8.34 9.41 1.78
CA ASN A 67 7.59 10.35 2.60
C ASN A 67 7.45 11.64 1.82
N VAL A 68 6.22 12.13 1.72
CA VAL A 68 5.92 13.37 1.03
C VAL A 68 5.92 14.45 2.09
N THR A 69 6.84 15.40 1.95
CA THR A 69 6.98 16.46 2.95
C THR A 69 7.45 17.75 2.28
N ASP A 70 7.15 18.88 2.91
CA ASP A 70 7.60 20.15 2.40
C ASP A 70 8.52 20.82 3.43
N ASP A 71 9.11 20.01 4.30
CA ASP A 71 9.94 20.49 5.41
C ASP A 71 11.39 20.70 4.95
N ALA A 72 11.79 21.96 4.86
CA ALA A 72 13.15 22.31 4.41
C ALA A 72 14.23 21.67 5.26
N LEU A 73 13.97 21.53 6.56
N LEU A 73 13.97 21.55 6.56
CA LEU A 73 14.96 20.97 7.46
CA LEU A 73 14.95 20.96 7.47
C LEU A 73 15.17 19.47 7.25
C LEU A 73 15.17 19.48 7.20
N VAL A 74 14.08 18.75 6.95
CA VAL A 74 14.18 17.31 6.69
C VAL A 74 15.00 17.09 5.41
N PHE A 75 14.73 17.91 4.40
CA PHE A 75 15.51 17.80 3.17
C PHE A 75 16.98 18.10 3.41
N ALA A 76 17.28 19.17 4.14
CA ALA A 76 18.66 19.57 4.34
C ALA A 76 19.44 18.52 5.13
N VAL A 77 18.86 18.02 6.21
CA VAL A 77 19.55 17.04 7.05
C VAL A 77 19.77 15.73 6.28
N SER A 78 18.71 15.23 5.63
CA SER A 78 18.84 13.95 4.90
C SER A 78 19.72 14.04 3.66
N SER A 79 19.89 15.25 3.13
CA SER A 79 20.77 15.44 1.98
C SER A 79 22.21 15.05 2.27
N PHE A 80 22.63 15.20 3.53
CA PHE A 80 24.04 15.03 3.92
C PHE A 80 24.29 13.89 4.89
N GLY A 81 23.25 13.17 5.22
CA GLY A 81 23.44 11.93 5.96
C GLY A 81 22.14 11.43 6.47
N ASN A 82 22.22 10.40 7.32
CA ASN A 82 21.01 9.78 7.81
C ASN A 82 20.25 10.65 8.81
N LEU A 83 18.96 10.40 8.93
CA LEU A 83 18.15 11.14 9.88
C LEU A 83 18.29 10.61 11.29
N ASN A 84 18.29 9.29 11.47
CA ASN A 84 18.19 8.67 12.79
C ASN A 84 17.01 9.28 13.53
N ASP A 85 16.67 8.76 14.71
CA ASP A 85 15.71 7.70 14.87
C ASP A 85 14.72 8.66 15.51
N ASP A 86 15.28 9.79 15.97
CA ASP A 86 14.52 10.90 16.58
C ASP A 86 13.67 11.68 15.57
N TRP A 87 13.97 11.55 14.28
CA TRP A 87 13.19 12.24 13.26
C TRP A 87 11.90 11.49 12.88
N TYR A 88 11.75 10.26 13.36
CA TYR A 88 10.62 9.41 12.97
C TYR A 88 9.45 9.43 13.94
N ALA A 89 8.25 9.60 13.40
CA ALA A 89 7.02 9.47 14.20
C ALA A 89 6.59 8.01 14.32
N SER A 90 6.99 7.20 13.33
CA SER A 90 6.67 5.78 13.27
C SER A 90 7.87 5.05 12.67
N PRO A 91 8.35 3.98 13.34
CA PRO A 91 9.45 3.22 12.77
C PRO A 91 9.01 2.24 11.67
N ASN A 92 7.73 1.86 11.66
CA ASN A 92 7.22 0.88 10.69
C ASN A 92 5.70 1.00 10.54
N PRO A 93 5.23 1.51 9.39
CA PRO A 93 6.04 1.98 8.27
C PRO A 93 6.79 3.25 8.70
N PRO A 94 7.95 3.56 8.07
CA PRO A 94 8.80 4.76 8.40
C PRO A 94 7.88 5.90 7.96
N ILE A 95 7.27 6.61 8.90
CA ILE A 95 7.03 8.05 8.85
C ILE A 95 7.83 9.07 9.61
N ILE A 96 8.36 10.05 8.86
CA ILE A 96 9.09 11.16 9.45
C ILE A 96 8.09 12.14 10.04
N LYS A 97 8.45 12.70 11.19
CA LYS A 97 7.61 13.69 11.84
C LYS A 97 7.30 14.82 10.87
N GLY A 98 6.03 15.20 10.81
CA GLY A 98 5.60 16.28 9.94
C GLY A 98 5.28 15.89 8.51
N ALA A 99 5.55 14.64 8.13
CA ALA A 99 5.25 14.15 6.77
C ALA A 99 3.76 14.31 6.45
N MSE A 100 3.43 14.64 5.21
CA MSE A 100 2.03 14.78 4.79
C MSE A 100 1.44 13.45 4.35
O MSE A 100 0.23 13.23 4.47
CB MSE A 100 1.89 15.81 3.68
CG MSE A 100 2.07 17.24 4.13
SE MSE A 100 1.89 18.48 2.63
CE MSE A 100 3.58 18.13 1.72
N ALA A 101 2.28 12.59 3.78
CA ALA A 101 1.86 11.27 3.31
C ALA A 101 3.04 10.32 3.29
N TRP A 102 2.75 9.03 3.34
CA TRP A 102 3.80 8.05 3.10
C TRP A 102 3.27 7.06 2.06
N CYS A 103 4.20 6.48 1.31
N CYS A 103 4.16 6.44 1.31
CA CYS A 103 3.89 5.46 0.32
CA CYS A 103 3.76 5.33 0.46
C CYS A 103 4.88 4.32 0.43
C CYS A 103 4.83 4.29 0.30
N ARG A 104 4.47 3.17 -0.09
N ARG A 104 4.40 3.07 -0.01
CA ARG A 104 5.38 2.05 -0.25
CA ARG A 104 5.31 1.97 -0.28
C ARG A 104 5.37 1.63 -1.72
C ARG A 104 5.35 1.72 -1.77
N PHE A 105 6.57 1.50 -2.30
CA PHE A 105 6.73 1.07 -3.69
C PHE A 105 7.50 -0.24 -3.72
N GLU A 106 7.08 -1.16 -4.57
CA GLU A 106 7.97 -2.27 -4.95
C GLU A 106 8.92 -1.66 -5.98
N ALA A 107 10.21 -1.98 -5.88
CA ALA A 107 11.21 -1.41 -6.76
C ALA A 107 12.01 -2.53 -7.42
N GLU A 108 12.11 -2.46 -8.75
CA GLU A 108 12.97 -3.36 -9.52
C GLU A 108 14.08 -2.53 -10.14
N MSE A 109 15.32 -2.85 -9.75
CA MSE A 109 16.51 -2.14 -10.24
C MSE A 109 16.91 -2.66 -11.60
O MSE A 109 17.12 -3.87 -11.78
CB MSE A 109 17.69 -2.28 -9.28
CG MSE A 109 17.51 -1.65 -7.94
SE MSE A 109 17.21 0.29 -8.08
CE MSE A 109 18.57 0.77 -9.39
N ARG A 110 17.02 -1.75 -12.56
CA ARG A 110 17.55 -2.09 -13.87
C ARG A 110 18.62 -1.06 -14.21
N SER A 111 19.88 -1.43 -13.95
CA SER A 111 21.06 -0.59 -14.17
C SER A 111 20.94 0.88 -13.79
N GLY A 112 20.62 1.11 -12.53
CA GLY A 112 20.54 2.47 -12.03
C GLY A 112 19.16 3.08 -12.10
N VAL A 113 18.25 2.44 -12.83
CA VAL A 113 16.85 2.90 -12.85
C VAL A 113 15.97 2.02 -11.96
N ALA A 114 15.31 2.63 -10.97
CA ALA A 114 14.34 1.90 -10.15
C ALA A 114 12.97 2.00 -10.80
N HIS A 115 12.44 0.85 -11.20
CA HIS A 115 11.10 0.77 -11.74
C HIS A 115 10.16 0.50 -10.58
N LEU A 116 9.20 1.40 -10.37
CA LEU A 116 8.42 1.44 -9.14
C LEU A 116 6.97 1.11 -9.36
N LYS A 117 6.40 0.38 -8.41
CA LYS A 117 4.96 0.12 -8.39
C LYS A 117 4.43 0.47 -7.01
N LEU A 118 3.47 1.40 -6.97
CA LEU A 118 2.86 1.85 -5.74
C LEU A 118 1.94 0.76 -5.20
N THR A 119 2.17 0.34 -3.96
CA THR A 119 1.37 -0.74 -3.35
C THR A 119 0.63 -0.44 -2.03
N ASP A 120 1.10 0.56 -1.28
CA ASP A 120 0.45 0.94 -0.04
CA ASP A 120 0.48 0.93 0.00
C ASP A 120 0.73 2.41 0.23
N GLY A 121 -0.03 3.00 1.14
CA GLY A 121 0.24 4.38 1.55
C GLY A 121 -0.90 4.98 2.31
N GLU A 122 -0.63 6.12 2.94
CA GLU A 122 -1.67 6.87 3.64
C GLU A 122 -1.38 8.34 3.53
N ILE A 123 -2.45 9.14 3.42
CA ILE A 123 -2.39 10.57 3.69
C ILE A 123 -2.40 10.76 5.20
N ILE A 124 -1.38 11.47 5.70
CA ILE A 124 -1.21 11.68 7.13
C ILE A 124 -1.78 13.04 7.54
N GLU A 125 -1.44 14.06 6.77
CA GLU A 125 -1.82 15.43 7.10
C GLU A 125 -1.83 16.31 5.86
N LYS A 126 -3.00 16.81 5.48
CA LYS A 126 -3.07 17.84 4.45
C LYS A 126 -2.74 19.20 5.07
N ARG A 127 -2.11 20.06 4.29
CA ARG A 127 -1.67 21.36 4.81
C ARG A 127 -1.92 22.49 3.83
N VAL A 128 -1.73 23.71 4.32
CA VAL A 128 -1.77 24.89 3.47
CA VAL A 128 -1.79 24.91 3.48
C VAL A 128 -0.58 25.77 3.79
N ARG A 129 0.17 26.12 2.76
CA ARG A 129 1.25 27.10 2.91
C ARG A 129 1.36 27.92 1.64
N ALA A 130 1.45 29.24 1.81
CA ALA A 130 1.69 30.13 0.69
C ALA A 130 3.03 29.82 0.01
N ILE A 131 3.09 30.05 -1.30
CA ILE A 131 4.36 29.91 -2.03
C ILE A 131 5.46 30.71 -1.34
N ASN A 132 6.62 30.08 -1.15
CA ASN A 132 7.73 30.75 -0.49
C ASN A 132 9.00 30.49 -1.27
N ARG A 133 9.60 31.59 -1.76
CA ARG A 133 10.81 31.45 -2.59
C ARG A 133 12.02 30.99 -1.79
N GLY A 134 11.98 31.18 -0.48
CA GLY A 134 13.03 30.67 0.39
C GLY A 134 13.03 29.15 0.39
N LEU A 135 11.84 28.54 0.43
CA LEU A 135 11.74 27.08 0.29
C LEU A 135 12.26 26.62 -1.08
N SER A 136 11.85 27.30 -2.15
CA SER A 136 12.38 27.03 -3.48
C SER A 136 13.90 27.03 -3.47
N ALA A 137 14.46 28.06 -2.83
CA ALA A 137 15.91 28.28 -2.85
C ALA A 137 16.68 27.25 -2.03
N VAL A 138 16.08 26.78 -0.93
CA VAL A 138 16.70 25.68 -0.17
C VAL A 138 16.79 24.44 -1.06
N ILE A 139 15.71 24.12 -1.74
CA ILE A 139 15.68 22.90 -2.57
C ILE A 139 16.69 23.02 -3.71
N GLU A 140 16.72 24.16 -4.40
CA GLU A 140 17.72 24.34 -5.47
C GLU A 140 19.14 24.25 -4.91
N ALA A 141 19.40 24.90 -3.79
CA ALA A 141 20.74 24.89 -3.21
C ALA A 141 21.18 23.48 -2.82
N LEU A 142 20.22 22.66 -2.39
CA LEU A 142 20.53 21.27 -2.02
C LEU A 142 20.95 20.45 -3.24
N VAL A 143 20.28 20.70 -4.36
CA VAL A 143 20.64 20.07 -5.63
C VAL A 143 22.12 20.37 -5.91
N HIS A 144 22.51 21.65 -5.79
CA HIS A 144 23.88 22.06 -6.14
C HIS A 144 24.89 21.64 -5.08
N ALA A 145 24.47 21.68 -3.81
CA ALA A 145 25.37 21.40 -2.70
C ALA A 145 25.68 19.91 -2.59
N THR A 146 24.69 19.05 -2.85
CA THR A 146 24.94 17.60 -2.83
C THR A 146 25.88 17.21 -3.96
N ARG A 147 25.77 17.94 -5.06
CA ARG A 147 26.72 17.73 -6.17
C ARG A 147 28.11 18.24 -5.80
N TYR A 148 28.17 19.48 -5.30
CA TYR A 148 29.41 20.11 -4.87
C TYR A 148 30.27 19.20 -3.98
N VAL A 149 29.64 18.60 -2.98
CA VAL A 149 30.40 17.79 -2.01
C VAL A 149 30.88 16.47 -2.59
N ALA A 150 30.24 16.05 -3.69
CA ALA A 150 30.53 14.75 -4.29
C ALA A 150 31.60 14.81 -5.38
N ILE A 151 31.97 16.02 -5.81
CA ILE A 151 32.86 16.18 -6.96
C ILE A 151 34.18 16.90 -6.65
N LYS A 152 35.14 16.77 -7.57
CA LYS A 152 36.46 17.36 -7.41
C LYS A 152 36.80 18.43 -8.45
N SER A 153 36.04 18.50 -9.53
CA SER A 153 36.30 19.52 -10.55
C SER A 153 36.32 20.92 -9.94
N ASP A 154 37.41 21.66 -10.15
CA ASP A 154 37.49 23.02 -9.62
C ASP A 154 36.52 23.95 -10.35
N GLU A 155 36.47 23.86 -11.68
CA GLU A 155 35.59 24.72 -12.47
C GLU A 155 34.13 24.46 -12.12
N ARG A 156 33.77 23.18 -11.96
CA ARG A 156 32.38 22.87 -11.63
C ARG A 156 32.04 23.28 -10.20
N ARG A 157 32.96 23.05 -9.26
CA ARG A 157 32.70 23.45 -7.87
C ARG A 157 32.54 24.97 -7.77
N LYS A 158 33.33 25.70 -8.56
CA LYS A 158 33.22 27.17 -8.60
C LYS A 158 31.82 27.62 -9.04
N GLU A 159 31.31 27.00 -10.11
CA GLU A 159 29.98 27.28 -10.63
C GLU A 159 28.92 27.02 -9.56
N LEU A 160 29.04 25.86 -8.93
CA LEU A 160 28.04 25.42 -7.95
C LEU A 160 28.00 26.31 -6.72
N LEU A 161 29.18 26.77 -6.29
CA LEU A 161 29.26 27.63 -5.11
C LEU A 161 28.60 28.97 -5.40
N GLU A 162 28.80 29.46 -6.62
CA GLU A 162 28.14 30.70 -7.04
C GLU A 162 26.61 30.54 -6.98
N ARG A 163 26.10 29.40 -7.45
CA ARG A 163 24.64 29.17 -7.39
C ARG A 163 24.19 29.12 -5.94
N ILE A 164 24.95 28.44 -5.09
CA ILE A 164 24.57 28.29 -3.67
C ILE A 164 24.49 29.66 -2.99
N HIS A 165 25.49 30.51 -3.26
CA HIS A 165 25.48 31.86 -2.71
C HIS A 165 24.30 32.70 -3.22
N TYR A 166 23.95 32.53 -4.49
CA TYR A 166 22.80 33.20 -5.08
C TYR A 166 21.51 32.80 -4.33
N TYR A 167 21.31 31.51 -4.16
CA TYR A 167 20.11 31.03 -3.44
C TYR A 167 20.11 31.44 -1.97
N ARG A 168 21.28 31.54 -1.37
CA ARG A 168 21.37 31.99 0.03
C ARG A 168 20.71 33.37 0.16
N GLU A 169 20.95 34.25 -0.79
CA GLU A 169 20.38 35.60 -0.71
C GLU A 169 18.85 35.55 -0.75
N ILE A 170 18.32 34.66 -1.59
CA ILE A 170 16.86 34.49 -1.68
C ILE A 170 16.30 33.97 -0.34
N VAL A 171 16.97 33.00 0.28
CA VAL A 171 16.50 32.47 1.56
CA VAL A 171 16.45 32.49 1.54
C VAL A 171 16.51 33.56 2.65
N GLN A 172 17.55 34.39 2.64
CA GLN A 172 17.65 35.42 3.68
C GLN A 172 16.51 36.43 3.53
N LYS A 173 16.15 36.74 2.29
CA LYS A 173 15.10 37.73 2.01
C LYS A 173 13.71 37.14 2.23
N CYS A 174 13.48 35.94 1.71
CA CYS A 174 12.12 35.38 1.58
C CYS A 174 11.78 34.27 2.56
N GLY A 175 12.77 33.52 3.03
CA GLY A 175 12.48 32.30 3.79
C GLY A 175 11.96 32.55 5.20
N SER A 176 11.31 31.54 5.76
CA SER A 176 10.97 31.53 7.17
C SER A 176 12.20 31.10 7.96
N GLU A 177 12.14 31.20 9.29
CA GLU A 177 13.27 30.77 10.10
CA GLU A 177 13.23 30.73 10.15
C GLU A 177 13.63 29.31 9.79
N ARG A 178 12.65 28.47 9.48
CA ARG A 178 12.92 27.06 9.17
C ARG A 178 13.79 26.91 7.93
N GLU A 179 13.51 27.68 6.87
CA GLU A 179 14.37 27.66 5.68
C GLU A 179 15.75 28.22 5.97
N LYS A 180 15.80 29.25 6.81
CA LYS A 180 17.09 29.82 7.19
C LYS A 180 17.95 28.84 7.96
N ARG A 181 17.34 28.08 8.88
CA ARG A 181 18.03 27.04 9.63
C ARG A 181 18.53 25.94 8.70
N ALA A 182 17.68 25.55 7.74
CA ALA A 182 18.07 24.55 6.74
C ALA A 182 19.27 25.04 5.95
N PHE A 183 19.29 26.31 5.57
CA PHE A 183 20.43 26.81 4.79
C PHE A 183 21.73 26.84 5.58
N GLU A 184 21.62 27.09 6.88
CA GLU A 184 22.78 27.03 7.79
C GLU A 184 23.46 25.65 7.76
N ILE A 185 22.65 24.59 7.67
CA ILE A 185 23.19 23.23 7.50
C ILE A 185 23.97 23.12 6.20
N ILE A 186 23.40 23.63 5.11
CA ILE A 186 24.09 23.62 3.81
C ILE A 186 25.45 24.30 3.91
N MSE A 187 25.47 25.51 4.45
CA MSE A 187 26.73 26.26 4.53
C MSE A 187 27.76 25.49 5.35
O MSE A 187 28.93 25.44 4.99
CB MSE A 187 26.52 27.65 5.08
CG MSE A 187 25.60 28.50 4.21
SE MSE A 187 26.37 28.77 2.43
CE MSE A 187 27.61 30.20 2.91
N GLU A 188 27.33 24.87 6.46
CA GLU A 188 28.26 24.10 7.30
C GLU A 188 28.82 22.92 6.53
N LYS A 189 27.94 22.20 5.85
CA LYS A 189 28.32 20.98 5.14
C LYS A 189 29.27 21.20 3.96
N ILE A 190 29.20 22.38 3.34
CA ILE A 190 30.08 22.70 2.21
C ILE A 190 31.38 23.38 2.64
N GLY A 191 31.53 23.61 3.94
CA GLY A 191 32.74 24.23 4.47
C GLY A 191 32.72 25.75 4.57
N GLU A 192 31.52 26.33 4.61
CA GLU A 192 31.38 27.77 4.82
C GLU A 192 30.52 28.12 6.03
N GLY A 193 30.68 27.34 7.10
CA GLY A 193 29.96 27.58 8.35
C GLY A 193 30.57 28.73 9.14
N LEU B 3 10.26 -29.96 -16.04
CA LEU B 3 9.41 -30.23 -14.84
C LEU B 3 8.29 -29.21 -14.74
N ARG B 4 7.20 -29.61 -14.09
CA ARG B 4 6.03 -28.74 -13.94
C ARG B 4 5.75 -28.52 -12.46
N LEU B 5 5.58 -27.27 -12.06
CA LEU B 5 5.24 -26.92 -10.68
C LEU B 5 3.99 -27.67 -10.19
N ALA B 6 3.02 -27.81 -11.07
CA ALA B 6 1.76 -28.47 -10.73
C ALA B 6 1.98 -29.90 -10.28
N ASP B 7 3.08 -30.53 -10.72
CA ASP B 7 3.31 -31.92 -10.37
C ASP B 7 3.77 -32.11 -8.91
N PHE B 8 4.04 -31.01 -8.22
CA PHE B 8 4.50 -31.05 -6.83
C PHE B 8 3.58 -30.29 -5.89
N GLY B 9 2.37 -30.00 -6.36
CA GLY B 9 1.34 -29.41 -5.50
C GLY B 9 1.21 -27.90 -5.57
N PHE B 10 1.91 -27.28 -6.51
CA PHE B 10 1.79 -25.84 -6.68
C PHE B 10 0.67 -25.49 -7.65
N THR B 11 0.01 -24.36 -7.41
CA THR B 11 -0.96 -23.82 -8.35
C THR B 11 -0.50 -22.41 -8.71
N ASP B 12 -1.13 -21.83 -9.72
CA ASP B 12 -0.95 -20.41 -9.95
C ASP B 12 -1.48 -19.69 -8.72
N GLY B 13 -0.93 -18.51 -8.46
CA GLY B 13 -1.24 -17.78 -7.23
C GLY B 13 -0.04 -17.85 -6.30
N ILE B 14 -0.27 -17.73 -5.00
CA ILE B 14 0.83 -17.76 -4.03
C ILE B 14 0.69 -19.03 -3.20
N ASN B 15 1.76 -19.81 -3.11
CA ASN B 15 1.75 -21.11 -2.47
C ASN B 15 2.57 -21.02 -1.21
N GLU B 16 1.95 -21.21 -0.04
CA GLU B 16 2.67 -21.04 1.21
C GLU B 16 3.36 -22.35 1.54
N ILE B 17 4.68 -22.31 1.62
CA ILE B 17 5.48 -23.53 1.80
C ILE B 17 6.57 -23.30 2.82
N ILE B 18 7.26 -24.36 3.22
CA ILE B 18 8.43 -24.21 4.11
C ILE B 18 9.69 -24.21 3.24
N ALA B 19 10.39 -23.08 3.27
CA ALA B 19 11.61 -22.85 2.48
C ALA B 19 12.82 -23.29 3.30
N ILE B 20 13.58 -24.24 2.76
CA ILE B 20 14.76 -24.74 3.48
C ILE B 20 16.01 -24.32 2.71
N THR B 21 16.92 -23.63 3.40
CA THR B 21 18.15 -23.16 2.75
C THR B 21 19.35 -23.54 3.59
N GLU B 22 20.52 -23.64 2.95
CA GLU B 22 21.72 -24.07 3.66
C GLU B 22 22.42 -22.87 4.32
N ASN B 23 22.67 -23.00 5.62
CA ASN B 23 23.45 -22.02 6.37
C ASN B 23 24.93 -22.13 6.01
N GLU B 24 25.71 -21.10 6.35
CA GLU B 24 27.17 -21.13 6.10
C GLU B 24 27.86 -22.35 6.67
N ASP B 25 27.42 -22.77 7.86
CA ASP B 25 28.03 -23.89 8.58
C ASP B 25 27.51 -25.27 8.15
N GLY B 26 26.67 -25.28 7.11
CA GLY B 26 26.15 -26.52 6.53
C GLY B 26 24.83 -27.03 7.10
N SER B 27 24.37 -26.45 8.21
CA SER B 27 23.08 -26.83 8.77
C SER B 27 21.97 -26.21 7.93
N TRP B 28 20.73 -26.65 8.14
CA TRP B 28 19.58 -26.11 7.42
C TRP B 28 18.88 -24.99 8.19
N ASN B 29 18.33 -24.03 7.44
CA ASN B 29 17.38 -23.06 7.98
C ASN B 29 16.03 -23.31 7.33
N ALA B 30 14.97 -23.31 8.14
CA ALA B 30 13.61 -23.54 7.61
C ALA B 30 12.72 -22.37 8.01
N ALA B 31 12.00 -21.81 7.03
CA ALA B 31 11.07 -20.69 7.31
C ALA B 31 9.96 -20.66 6.26
N PRO B 32 8.77 -20.17 6.65
CA PRO B 32 7.68 -20.12 5.67
C PRO B 32 7.93 -19.02 4.64
N ILE B 33 7.62 -19.29 3.38
CA ILE B 33 7.64 -18.24 2.36
C ILE B 33 6.51 -18.52 1.38
N GLY B 34 6.04 -17.48 0.68
CA GLY B 34 5.03 -17.70 -0.36
C GLY B 34 5.70 -17.72 -1.72
N ILE B 35 5.52 -18.83 -2.43
CA ILE B 35 6.08 -18.94 -3.78
C ILE B 35 4.99 -18.56 -4.79
N ILE B 36 5.31 -17.52 -5.57
CA ILE B 36 4.38 -16.90 -6.51
C ILE B 36 4.53 -17.58 -7.85
N VAL B 37 3.43 -18.09 -8.38
CA VAL B 37 3.44 -18.85 -9.62
C VAL B 37 2.45 -18.24 -10.61
N GLU B 38 2.94 -17.88 -11.80
CA GLU B 38 2.07 -17.37 -12.87
C GLU B 38 1.45 -18.52 -13.69
N ASP B 39 2.22 -19.58 -13.91
CA ASP B 39 1.77 -20.70 -14.74
C ASP B 39 2.28 -22.00 -14.14
N SER B 40 1.38 -22.80 -13.55
CA SER B 40 1.79 -24.02 -12.85
C SER B 40 2.26 -25.12 -13.79
N SER B 41 2.01 -24.96 -15.10
CA SER B 41 2.54 -25.93 -16.08
C SER B 41 4.01 -25.66 -16.39
N SER B 42 4.53 -24.53 -15.91
CA SER B 42 5.91 -24.14 -16.15
C SER B 42 6.86 -24.59 -15.05
N ASP B 43 8.15 -24.28 -15.21
CA ASP B 43 9.14 -24.60 -14.19
C ASP B 43 9.68 -23.34 -13.53
N THR B 44 8.97 -22.22 -13.68
CA THR B 44 9.47 -20.95 -13.12
C THR B 44 8.51 -20.35 -12.10
N ALA B 45 9.08 -19.68 -11.11
CA ALA B 45 8.31 -19.08 -10.02
C ALA B 45 9.16 -18.00 -9.39
N LYS B 46 8.60 -17.29 -8.42
CA LYS B 46 9.40 -16.31 -7.70
C LYS B 46 8.90 -16.16 -6.27
N ALA B 47 9.71 -15.52 -5.43
CA ALA B 47 9.30 -15.25 -4.06
C ALA B 47 9.91 -13.91 -3.66
N LYS B 48 9.11 -13.01 -3.10
CA LYS B 48 9.70 -11.78 -2.59
C LYS B 48 10.09 -11.98 -1.14
N LEU B 49 11.35 -11.69 -0.81
CA LEU B 49 11.85 -12.05 0.52
C LEU B 49 12.15 -10.82 1.36
N TYR B 50 11.78 -10.88 2.64
CA TYR B 50 12.17 -9.88 3.63
C TYR B 50 13.62 -10.10 4.08
N ARG B 51 14.11 -9.21 4.96
CA ARG B 51 15.46 -9.32 5.49
C ARG B 51 15.51 -10.46 6.52
N ASN B 52 15.88 -11.65 6.06
CA ASN B 52 15.86 -12.83 6.91
C ASN B 52 16.92 -13.85 6.48
N ARG B 53 17.04 -14.95 7.21
CA ARG B 53 18.11 -15.91 6.95
C ARG B 53 17.91 -16.59 5.60
N THR B 54 16.66 -16.78 5.19
CA THR B 54 16.38 -17.34 3.87
C THR B 54 17.02 -16.47 2.78
N ARG B 55 16.81 -15.16 2.86
CA ARG B 55 17.35 -14.28 1.81
C ARG B 55 18.87 -14.26 1.87
N ALA B 56 19.44 -14.22 3.09
CA ALA B 56 20.89 -14.25 3.27
C ALA B 56 21.50 -15.53 2.70
N ASN B 57 20.87 -16.67 2.98
CA ASN B 57 21.37 -17.94 2.42
C ASN B 57 21.26 -18.01 0.90
N LEU B 58 20.15 -17.52 0.35
CA LEU B 58 19.97 -17.58 -1.10
C LEU B 58 20.95 -16.66 -1.85
N GLU B 59 21.28 -15.51 -1.26
CA GLU B 59 22.29 -14.62 -1.87
C GLU B 59 23.63 -15.34 -2.04
N ARG B 60 23.96 -16.19 -1.08
CA ARG B 60 25.21 -16.93 -1.09
C ARG B 60 25.19 -18.21 -1.94
N SER B 61 24.10 -19.00 -1.83
CA SER B 61 24.08 -20.36 -2.37
C SER B 61 23.25 -20.59 -3.65
N GLY B 62 22.23 -19.76 -3.85
CA GLY B 62 21.30 -19.92 -4.98
C GLY B 62 20.52 -21.22 -5.04
N VAL B 63 20.34 -21.88 -3.90
CA VAL B 63 19.60 -23.15 -3.87
C VAL B 63 18.53 -23.09 -2.77
N LEU B 64 17.29 -23.33 -3.18
CA LEU B 64 16.15 -23.33 -2.27
C LEU B 64 15.44 -24.66 -2.34
N PHE B 65 15.19 -25.30 -1.20
CA PHE B 65 14.30 -26.44 -1.15
C PHE B 65 12.96 -25.98 -0.60
N ALA B 66 11.88 -26.56 -1.12
CA ALA B 66 10.54 -26.24 -0.62
C ALA B 66 9.95 -27.53 -0.11
N ASN B 67 9.32 -27.47 1.05
CA ASN B 67 8.49 -28.60 1.49
C ASN B 67 7.04 -28.15 1.41
N VAL B 68 6.23 -28.97 0.74
CA VAL B 68 4.80 -28.74 0.62
C VAL B 68 4.13 -29.50 1.75
N THR B 69 3.49 -28.76 2.65
CA THR B 69 2.91 -29.35 3.86
C THR B 69 1.70 -28.57 4.31
N ASP B 70 0.74 -29.28 4.91
CA ASP B 70 -0.44 -28.65 5.48
C ASP B 70 -0.46 -28.72 7.02
N ASP B 71 0.72 -28.88 7.60
CA ASP B 71 0.89 -28.99 9.05
C ASP B 71 0.96 -27.60 9.68
N ALA B 72 -0.11 -27.20 10.36
CA ALA B 72 -0.18 -25.88 11.00
C ALA B 72 1.01 -25.66 11.95
N LEU B 73 1.41 -26.73 12.64
CA LEU B 73 2.45 -26.59 13.65
C LEU B 73 3.79 -26.18 13.07
N VAL B 74 4.17 -26.73 11.91
CA VAL B 74 5.48 -26.38 11.35
C VAL B 74 5.52 -24.93 10.89
N PHE B 75 4.38 -24.44 10.38
CA PHE B 75 4.28 -23.01 10.07
C PHE B 75 4.41 -22.13 11.28
N ALA B 76 3.74 -22.51 12.36
CA ALA B 76 3.77 -21.68 13.56
C ALA B 76 5.19 -21.66 14.16
N VAL B 77 5.81 -22.83 14.28
CA VAL B 77 7.13 -22.89 14.87
C VAL B 77 8.15 -22.15 13.99
N SER B 78 8.16 -22.46 12.69
CA SER B 78 9.19 -21.87 11.82
C SER B 78 9.01 -20.38 11.56
N SER B 79 7.82 -19.85 11.84
CA SER B 79 7.59 -18.42 11.73
C SER B 79 8.39 -17.59 12.76
N PHE B 80 8.78 -18.25 13.85
CA PHE B 80 9.41 -17.58 15.00
C PHE B 80 10.79 -18.10 15.39
N GLY B 81 11.25 -19.15 14.73
CA GLY B 81 12.59 -19.66 14.98
C GLY B 81 12.88 -20.81 14.04
N ASN B 82 14.14 -21.21 13.95
CA ASN B 82 14.54 -22.32 13.11
C ASN B 82 14.06 -23.65 13.67
N LEU B 83 13.75 -24.60 12.78
CA LEU B 83 13.27 -25.90 13.20
C LEU B 83 14.39 -26.75 13.78
N ASN B 84 14.09 -27.40 14.89
CA ASN B 84 14.98 -28.38 15.50
C ASN B 84 15.18 -29.59 14.58
N ASP B 85 16.34 -30.25 14.72
CA ASP B 85 16.65 -31.44 13.94
C ASP B 85 15.55 -32.49 13.92
N ASP B 86 14.78 -32.59 15.01
CA ASP B 86 13.77 -33.64 15.13
C ASP B 86 12.63 -33.50 14.13
N TRP B 87 12.55 -32.34 13.48
CA TRP B 87 11.53 -32.13 12.45
C TRP B 87 11.82 -32.80 11.11
N TYR B 88 13.07 -33.22 10.92
CA TYR B 88 13.50 -33.72 9.62
C TYR B 88 13.39 -35.22 9.48
N ALA B 89 12.75 -35.66 8.40
CA ALA B 89 12.67 -37.08 8.07
C ALA B 89 13.95 -37.51 7.35
N SER B 90 14.51 -36.57 6.57
CA SER B 90 15.67 -36.79 5.72
C SER B 90 16.50 -35.52 5.78
N PRO B 91 17.84 -35.66 5.93
CA PRO B 91 18.73 -34.50 5.89
C PRO B 91 19.09 -34.04 4.48
N ASN B 92 19.02 -34.95 3.50
CA ASN B 92 19.33 -34.57 2.12
C ASN B 92 18.69 -35.48 1.08
N PRO B 93 17.72 -34.95 0.32
CA PRO B 93 17.30 -33.55 0.38
C PRO B 93 16.54 -33.33 1.68
N PRO B 94 16.45 -32.07 2.11
CA PRO B 94 15.85 -31.88 3.39
C PRO B 94 14.33 -31.91 3.50
N ILE B 95 13.78 -32.84 4.27
CA ILE B 95 12.42 -33.37 4.00
C ILE B 95 11.86 -33.37 5.44
N ILE B 96 10.89 -32.50 5.71
CA ILE B 96 10.30 -32.40 7.04
C ILE B 96 9.29 -33.52 7.25
N LYS B 97 9.26 -34.09 8.46
CA LYS B 97 8.27 -35.12 8.79
C LYS B 97 6.88 -34.62 8.47
N GLY B 98 6.11 -35.42 7.74
CA GLY B 98 4.73 -35.08 7.43
C GLY B 98 4.55 -34.32 6.13
N ALA B 99 5.64 -33.89 5.51
CA ALA B 99 5.55 -33.21 4.21
C ALA B 99 4.90 -34.11 3.17
N MSE B 100 4.09 -33.50 2.31
CA MSE B 100 3.47 -34.20 1.19
C MSE B 100 4.39 -34.28 -0.02
O MSE B 100 4.31 -35.22 -0.78
CB MSE B 100 2.14 -33.53 0.80
CG MSE B 100 1.07 -33.72 1.83
SE MSE B 100 -0.56 -32.82 1.23
CE MSE B 100 -0.02 -30.98 1.55
N ALA B 101 5.21 -33.25 -0.23
CA ALA B 101 6.10 -33.23 -1.38
C ALA B 101 7.29 -32.34 -1.06
N TRP B 102 8.38 -32.51 -1.81
CA TRP B 102 9.49 -31.57 -1.71
C TRP B 102 9.92 -31.20 -3.12
N CYS B 103 10.53 -30.03 -3.25
CA CYS B 103 11.19 -29.72 -4.51
CA CYS B 103 11.07 -29.51 -4.52
C CYS B 103 12.42 -28.85 -4.29
N ARG B 104 13.23 -28.76 -5.35
CA ARG B 104 14.46 -27.97 -5.32
C ARG B 104 14.40 -26.94 -6.42
N PHE B 105 14.74 -25.71 -6.07
CA PHE B 105 14.79 -24.60 -7.02
C PHE B 105 16.21 -24.05 -7.06
N GLU B 106 16.67 -23.67 -8.26
CA GLU B 106 17.82 -22.77 -8.37
C GLU B 106 17.28 -21.35 -8.31
N ALA B 107 17.99 -20.50 -7.58
CA ALA B 107 17.50 -19.16 -7.29
C ALA B 107 18.50 -18.09 -7.73
N GLU B 108 18.00 -17.03 -8.36
CA GLU B 108 18.78 -15.82 -8.63
C GLU B 108 18.06 -14.66 -7.91
N MSE B 109 18.79 -13.98 -7.03
CA MSE B 109 18.25 -12.80 -6.30
C MSE B 109 18.39 -11.56 -7.15
O MSE B 109 19.48 -11.25 -7.62
CB MSE B 109 19.02 -12.57 -4.99
CG MSE B 109 18.93 -13.68 -3.94
SE MSE B 109 17.08 -14.01 -3.39
CE MSE B 109 16.41 -12.16 -3.10
N ARG B 110 17.27 -10.87 -7.37
CA ARG B 110 17.30 -9.56 -8.04
C ARG B 110 16.31 -8.63 -7.33
N SER B 111 16.80 -7.51 -6.80
CA SER B 111 15.94 -6.53 -6.15
C SER B 111 15.01 -7.19 -5.10
N GLY B 112 15.58 -8.07 -4.28
CA GLY B 112 14.84 -8.67 -3.18
C GLY B 112 13.90 -9.81 -3.56
N VAL B 113 13.89 -10.17 -4.84
CA VAL B 113 13.03 -11.25 -5.34
C VAL B 113 13.91 -12.43 -5.72
N ALA B 114 13.55 -13.62 -5.23
CA ALA B 114 14.19 -14.85 -5.66
C ALA B 114 13.50 -15.32 -6.92
N HIS B 115 14.22 -15.28 -8.04
CA HIS B 115 13.71 -15.83 -9.29
C HIS B 115 14.09 -17.28 -9.34
N LEU B 116 13.07 -18.15 -9.38
CA LEU B 116 13.26 -19.58 -9.15
C LEU B 116 13.06 -20.42 -10.40
N LYS B 117 13.87 -21.46 -10.52
CA LYS B 117 13.73 -22.44 -11.59
C LYS B 117 13.67 -23.80 -10.94
N LEU B 118 12.57 -24.51 -11.16
CA LEU B 118 12.38 -25.85 -10.59
C LEU B 118 13.34 -26.85 -11.23
N THR B 119 14.12 -27.55 -10.40
CA THR B 119 15.10 -28.54 -10.95
C THR B 119 14.95 -29.99 -10.46
N ASP B 120 14.14 -30.23 -9.43
CA ASP B 120 14.01 -31.59 -8.88
C ASP B 120 12.84 -31.57 -7.90
N GLY B 121 12.36 -32.76 -7.55
CA GLY B 121 11.33 -32.86 -6.53
C GLY B 121 10.65 -34.21 -6.59
N GLU B 122 9.82 -34.48 -5.58
CA GLU B 122 9.06 -35.72 -5.58
C GLU B 122 7.89 -35.60 -4.64
N ILE B 123 6.78 -36.22 -5.01
CA ILE B 123 5.68 -36.40 -4.07
C ILE B 123 6.06 -37.51 -3.09
N ILE B 124 5.93 -37.23 -1.80
CA ILE B 124 6.24 -38.15 -0.69
C ILE B 124 4.99 -38.88 -0.20
N GLU B 125 3.90 -38.13 -0.05
CA GLU B 125 2.67 -38.67 0.51
C GLU B 125 1.49 -37.82 0.07
N LYS B 126 0.63 -38.40 -0.77
CA LYS B 126 -0.66 -37.76 -1.07
C LYS B 126 -1.59 -38.00 0.09
N ARG B 127 -2.48 -37.06 0.35
CA ARG B 127 -3.35 -37.14 1.53
C ARG B 127 -4.77 -36.75 1.20
N VAL B 128 -5.67 -37.08 2.12
CA VAL B 128 -7.03 -36.54 2.08
CA VAL B 128 -7.06 -36.57 2.10
C VAL B 128 -7.34 -35.91 3.45
N ARG B 129 -7.75 -34.65 3.42
CA ARG B 129 -8.23 -33.97 4.60
C ARG B 129 -9.35 -33.04 4.19
N ALA B 130 -10.43 -33.10 4.95
CA ALA B 130 -11.54 -32.18 4.78
C ALA B 130 -11.05 -30.76 5.13
N ILE B 131 -11.63 -29.77 4.45
CA ILE B 131 -11.35 -28.36 4.74
C ILE B 131 -11.54 -28.10 6.22
N ASN B 132 -10.56 -27.42 6.83
CA ASN B 132 -10.64 -27.11 8.23
C ASN B 132 -10.34 -25.63 8.43
N ARG B 133 -11.31 -24.90 8.97
CA ARG B 133 -11.13 -23.46 9.16
C ARG B 133 -10.13 -23.12 10.26
N GLY B 134 -9.85 -24.09 11.11
CA GLY B 134 -8.78 -23.92 12.13
C GLY B 134 -7.42 -23.76 11.46
N LEU B 135 -7.17 -24.55 10.42
CA LEU B 135 -5.94 -24.42 9.65
C LEU B 135 -5.89 -23.04 9.01
N SER B 136 -6.99 -22.64 8.36
CA SER B 136 -7.07 -21.29 7.79
C SER B 136 -6.73 -20.23 8.83
N ALA B 137 -7.28 -20.39 10.03
CA ALA B 137 -7.11 -19.42 11.09
C ALA B 137 -5.67 -19.33 11.60
N VAL B 138 -4.98 -20.45 11.69
CA VAL B 138 -3.55 -20.41 12.05
C VAL B 138 -2.75 -19.61 11.02
N ILE B 139 -2.99 -19.89 9.73
CA ILE B 139 -2.21 -19.25 8.67
C ILE B 139 -2.47 -17.72 8.65
N GLU B 140 -3.74 -17.33 8.75
CA GLU B 140 -4.05 -15.90 8.81
C GLU B 140 -3.45 -15.26 10.06
N ALA B 141 -3.56 -15.93 11.20
CA ALA B 141 -3.01 -15.37 12.45
C ALA B 141 -1.51 -15.15 12.34
N LEU B 142 -0.81 -16.05 11.65
CA LEU B 142 0.63 -15.89 11.44
C LEU B 142 0.95 -14.62 10.64
N VAL B 143 0.14 -14.32 9.64
CA VAL B 143 0.31 -13.05 8.90
C VAL B 143 0.23 -11.84 9.85
N HIS B 144 -0.80 -11.83 10.69
CA HIS B 144 -1.01 -10.70 11.58
C HIS B 144 -0.03 -10.67 12.72
N ALA B 145 0.35 -11.84 13.22
CA ALA B 145 1.27 -11.91 14.36
C ALA B 145 2.66 -11.46 13.95
N THR B 146 3.11 -11.86 12.77
CA THR B 146 4.43 -11.44 12.29
C THR B 146 4.47 -9.93 12.05
N ARG B 147 3.36 -9.34 11.61
CA ARG B 147 3.27 -7.88 11.51
C ARG B 147 3.28 -7.21 12.89
N TYR B 148 2.54 -7.79 13.83
CA TYR B 148 2.36 -7.26 15.18
C TYR B 148 3.71 -7.07 15.87
N VAL B 149 4.60 -8.04 15.72
CA VAL B 149 5.88 -7.99 16.43
C VAL B 149 6.86 -7.00 15.79
N ALA B 150 6.55 -6.59 14.55
CA ALA B 150 7.43 -5.73 13.75
C ALA B 150 7.06 -4.24 13.82
N ILE B 151 6.02 -3.93 14.58
CA ILE B 151 5.52 -2.55 14.65
C ILE B 151 5.42 -2.06 16.09
N LYS B 152 5.44 -0.74 16.26
CA LYS B 152 5.46 -0.12 17.59
C LYS B 152 4.13 0.58 17.88
N SER B 153 3.40 0.94 16.83
CA SER B 153 2.12 1.66 16.98
C SER B 153 1.12 0.92 17.87
N ASP B 154 0.79 1.54 19.00
CA ASP B 154 -0.19 0.95 19.93
C ASP B 154 -1.55 0.76 19.26
N GLU B 155 -1.97 1.73 18.45
CA GLU B 155 -3.25 1.65 17.74
C GLU B 155 -3.29 0.51 16.72
N ARG B 156 -2.24 0.42 15.89
CA ARG B 156 -2.15 -0.63 14.89
C ARG B 156 -2.00 -2.00 15.54
N ARG B 157 -1.22 -2.08 16.62
CA ARG B 157 -1.06 -3.34 17.35
C ARG B 157 -2.38 -3.81 17.93
N LYS B 158 -3.17 -2.87 18.44
CA LYS B 158 -4.49 -3.19 19.01
C LYS B 158 -5.40 -3.83 17.95
N GLU B 159 -5.41 -3.24 16.76
CA GLU B 159 -6.20 -3.75 15.64
C GLU B 159 -5.74 -5.15 15.22
N LEU B 160 -4.43 -5.36 15.17
CA LEU B 160 -3.91 -6.68 14.78
C LEU B 160 -4.22 -7.72 15.86
N LEU B 161 -4.14 -7.32 17.12
CA LEU B 161 -4.45 -8.25 18.20
C LEU B 161 -5.92 -8.63 18.17
N GLU B 162 -6.78 -7.67 17.84
CA GLU B 162 -8.21 -8.00 17.66
C GLU B 162 -8.41 -9.03 16.54
N ARG B 163 -7.67 -8.89 15.45
CA ARG B 163 -7.74 -9.86 14.35
C ARG B 163 -7.27 -11.23 14.84
N ILE B 164 -6.16 -11.24 15.57
CA ILE B 164 -5.63 -12.50 16.07
C ILE B 164 -6.62 -13.17 17.03
N HIS B 165 -7.24 -12.39 17.93
CA HIS B 165 -8.30 -12.95 18.80
C HIS B 165 -9.48 -13.52 18.03
N TYR B 166 -9.85 -12.85 16.94
CA TYR B 166 -10.94 -13.29 16.05
C TYR B 166 -10.61 -14.65 15.48
N TYR B 167 -9.40 -14.81 14.95
CA TYR B 167 -8.97 -16.11 14.43
C TYR B 167 -8.78 -17.14 15.53
N ARG B 168 -8.42 -16.70 16.74
CA ARG B 168 -8.32 -17.65 17.85
C ARG B 168 -9.66 -18.31 18.15
N GLU B 169 -10.76 -17.55 18.06
CA GLU B 169 -12.08 -18.12 18.32
C GLU B 169 -12.38 -19.19 17.28
N ILE B 170 -11.98 -18.94 16.03
CA ILE B 170 -12.21 -19.92 14.96
C ILE B 170 -11.40 -21.19 15.23
N VAL B 171 -10.14 -21.06 15.62
CA VAL B 171 -9.33 -22.26 15.84
C VAL B 171 -9.86 -23.05 17.02
N GLN B 172 -10.37 -22.38 18.04
CA GLN B 172 -10.91 -23.06 19.23
CA GLN B 172 -10.88 -23.10 19.21
C GLN B 172 -12.14 -23.90 18.88
N LYS B 173 -12.99 -23.34 18.00
CA LYS B 173 -14.21 -24.02 17.56
C LYS B 173 -13.97 -25.10 16.51
N CYS B 174 -13.10 -24.79 15.55
CA CYS B 174 -12.95 -25.59 14.34
C CYS B 174 -11.70 -26.47 14.27
N GLY B 175 -10.61 -26.03 14.91
CA GLY B 175 -9.33 -26.70 14.70
C GLY B 175 -9.20 -28.05 15.38
N SER B 176 -8.31 -28.87 14.85
CA SER B 176 -7.89 -30.09 15.53
C SER B 176 -6.90 -29.71 16.62
N GLU B 177 -6.53 -30.68 17.46
CA GLU B 177 -5.54 -30.42 18.52
C GLU B 177 -4.27 -29.80 17.95
N ARG B 178 -3.86 -30.26 16.78
CA ARG B 178 -2.64 -29.77 16.14
C ARG B 178 -2.72 -28.27 15.86
N GLU B 179 -3.85 -27.83 15.31
CA GLU B 179 -4.04 -26.41 14.99
C GLU B 179 -4.13 -25.59 16.27
N LYS B 180 -4.80 -26.14 17.29
CA LYS B 180 -4.94 -25.42 18.56
C LYS B 180 -3.56 -25.25 19.21
N ARG B 181 -2.73 -26.28 19.14
CA ARG B 181 -1.34 -26.19 19.62
C ARG B 181 -0.56 -25.12 18.87
N ALA B 182 -0.64 -25.17 17.54
CA ALA B 182 0.01 -24.18 16.70
C ALA B 182 -0.40 -22.76 17.10
N PHE B 183 -1.69 -22.56 17.37
CA PHE B 183 -2.18 -21.24 17.69
C PHE B 183 -1.65 -20.75 19.05
N GLU B 184 -1.55 -21.65 20.01
CA GLU B 184 -1.04 -21.28 21.34
CA GLU B 184 -1.06 -21.24 21.32
C GLU B 184 0.42 -20.83 21.26
N ILE B 185 1.17 -21.44 20.36
CA ILE B 185 2.54 -21.02 20.12
C ILE B 185 2.58 -19.60 19.58
N ILE B 186 1.67 -19.28 18.66
CA ILE B 186 1.55 -17.89 18.19
C ILE B 186 1.29 -16.94 19.35
N MSE B 187 0.28 -17.25 20.17
CA MSE B 187 -0.05 -16.39 21.31
C MSE B 187 1.16 -16.22 22.23
O MSE B 187 1.41 -15.11 22.73
CB MSE B 187 -1.23 -16.97 22.09
CG MSE B 187 -2.49 -17.13 21.25
SE MSE B 187 -3.15 -15.37 20.68
CE MSE B 187 -3.72 -14.64 22.40
N GLU B 188 1.91 -17.29 22.47
CA GLU B 188 3.09 -17.20 23.34
C GLU B 188 4.17 -16.29 22.74
N LYS B 189 4.43 -16.43 21.44
CA LYS B 189 5.50 -15.68 20.80
C LYS B 189 5.23 -14.19 20.67
N ILE B 190 3.95 -13.79 20.69
CA ILE B 190 3.59 -12.37 20.63
C ILE B 190 3.39 -11.79 22.02
N GLY B 191 3.70 -12.60 23.03
CA GLY B 191 3.66 -12.14 24.41
C GLY B 191 2.27 -12.13 25.01
N GLU B 192 1.39 -12.97 24.47
CA GLU B 192 0.04 -13.12 24.99
C GLU B 192 -0.18 -14.55 25.49
N LEU C 3 -6.91 37.21 15.28
CA LEU C 3 -6.58 36.25 14.17
C LEU C 3 -5.08 36.09 14.01
N ARG C 4 -4.64 34.95 13.48
CA ARG C 4 -3.21 34.67 13.29
C ARG C 4 -2.94 34.37 11.83
N LEU C 5 -1.93 35.04 11.27
CA LEU C 5 -1.55 34.83 9.87
C LEU C 5 -1.26 33.35 9.60
N ALA C 6 -0.64 32.69 10.57
CA ALA C 6 -0.29 31.27 10.44
C ALA C 6 -1.50 30.37 10.21
N ASP C 7 -2.68 30.82 10.65
CA ASP C 7 -3.86 29.97 10.49
C ASP C 7 -4.40 29.99 9.06
N PHE C 8 -3.83 30.84 8.20
CA PHE C 8 -4.26 30.90 6.81
C PHE C 8 -3.15 30.57 5.81
N GLY C 9 -2.08 29.97 6.30
CA GLY C 9 -1.02 29.48 5.40
C GLY C 9 0.20 30.37 5.27
N PHE C 10 0.26 31.45 6.06
CA PHE C 10 1.38 32.37 6.01
C PHE C 10 2.45 31.97 7.00
N THR C 11 3.71 32.19 6.64
CA THR C 11 4.81 32.02 7.58
C THR C 11 5.54 33.35 7.68
N ASP C 12 6.45 33.44 8.65
CA ASP C 12 7.37 34.56 8.64
C ASP C 12 8.18 34.46 7.34
N GLY C 13 8.68 35.60 6.89
CA GLY C 13 9.34 35.68 5.58
C GLY C 13 8.44 36.38 4.58
N ILE C 14 8.59 36.05 3.30
CA ILE C 14 7.73 36.64 2.27
C ILE C 14 6.86 35.55 1.64
N ASN C 15 5.57 35.81 1.60
CA ASN C 15 4.57 34.83 1.14
C ASN C 15 4.02 35.29 -0.19
N GLU C 16 4.25 34.51 -1.26
CA GLU C 16 3.79 34.96 -2.56
C GLU C 16 2.36 34.52 -2.72
N ILE C 17 1.45 35.49 -2.81
CA ILE C 17 0.02 35.20 -2.89
C ILE C 17 -0.63 35.96 -4.05
N ILE C 18 -1.91 35.70 -4.31
CA ILE C 18 -2.61 36.51 -5.30
C ILE C 18 -3.40 37.60 -4.56
N ALA C 19 -3.05 38.85 -4.85
CA ALA C 19 -3.72 40.01 -4.25
C ALA C 19 -4.94 40.39 -5.08
N ILE C 20 -6.10 40.40 -4.44
CA ILE C 20 -7.33 40.78 -5.15
C ILE C 20 -7.87 42.08 -4.58
N THR C 21 -8.03 43.07 -5.45
CA THR C 21 -8.50 44.38 -5.02
C THR C 21 -9.64 44.89 -5.90
N GLU C 22 -10.51 45.72 -5.33
CA GLU C 22 -11.66 46.23 -6.06
C GLU C 22 -11.30 47.42 -6.94
N ASN C 23 -11.61 47.30 -8.23
CA ASN C 23 -11.48 48.40 -9.18
C ASN C 23 -12.57 49.44 -8.90
N GLU C 24 -12.41 50.64 -9.47
CA GLU C 24 -13.42 51.70 -9.34
C GLU C 24 -14.82 51.26 -9.79
N ASP C 25 -14.89 50.44 -10.85
CA ASP C 25 -16.18 50.00 -11.37
C ASP C 25 -16.77 48.77 -10.65
N GLY C 26 -16.11 48.34 -9.57
CA GLY C 26 -16.61 47.23 -8.75
C GLY C 26 -16.11 45.86 -9.16
N SER C 27 -15.43 45.76 -10.30
CA SER C 27 -14.85 44.50 -10.74
C SER C 27 -13.57 44.23 -9.95
N TRP C 28 -13.11 42.98 -9.96
CA TRP C 28 -11.89 42.62 -9.24
C TRP C 28 -10.66 42.70 -10.11
N ASN C 29 -9.55 43.09 -9.49
CA ASN C 29 -8.24 42.98 -10.10
C ASN C 29 -7.42 41.97 -9.32
N ALA C 30 -6.72 41.07 -10.01
CA ALA C 30 -5.90 40.05 -9.35
C ALA C 30 -4.46 40.16 -9.82
N ALA C 31 -3.51 40.15 -8.90
CA ALA C 31 -2.09 40.20 -9.26
C ALA C 31 -1.24 39.59 -8.15
N PRO C 32 -0.11 38.96 -8.52
CA PRO C 32 0.72 38.39 -7.47
C PRO C 32 1.41 39.48 -6.67
N ILE C 33 1.50 39.29 -5.36
CA ILE C 33 2.35 40.15 -4.54
C ILE C 33 2.97 39.31 -3.42
N GLY C 34 4.08 39.79 -2.85
CA GLY C 34 4.67 39.11 -1.71
C GLY C 34 4.27 39.81 -0.42
N ILE C 35 3.61 39.09 0.46
CA ILE C 35 3.25 39.65 1.75
C ILE C 35 4.36 39.27 2.75
N ILE C 36 4.96 40.31 3.32
CA ILE C 36 6.09 40.20 4.24
C ILE C 36 5.55 40.08 5.66
N VAL C 37 5.98 39.03 6.36
CA VAL C 37 5.49 38.71 7.71
C VAL C 37 6.67 38.59 8.67
N GLU C 38 6.64 39.35 9.76
CA GLU C 38 7.68 39.26 10.79
C GLU C 38 7.35 38.20 11.81
N ASP C 39 6.04 38.07 12.11
CA ASP C 39 5.57 37.16 13.15
C ASP C 39 4.23 36.56 12.71
N SER C 40 4.25 35.27 12.36
CA SER C 40 3.05 34.65 11.81
C SER C 40 1.98 34.40 12.87
N SER C 41 2.35 34.53 14.15
CA SER C 41 1.34 34.44 15.23
C SER C 41 0.55 35.75 15.39
N SER C 42 0.98 36.78 14.69
CA SER C 42 0.32 38.09 14.74
C SER C 42 -0.71 38.28 13.62
N ASP C 43 -1.38 39.43 13.64
CA ASP C 43 -2.36 39.77 12.61
C ASP C 43 -1.87 40.92 11.73
N THR C 44 -0.56 41.17 11.74
CA THR C 44 -0.02 42.28 10.95
C THR C 44 1.01 41.82 9.95
N ALA C 45 1.06 42.51 8.82
CA ALA C 45 2.01 42.19 7.74
C ALA C 45 2.17 43.43 6.88
N LYS C 46 3.02 43.35 5.86
CA LYS C 46 3.12 44.46 4.91
C LYS C 46 3.46 43.96 3.52
N ALA C 47 3.33 44.83 2.53
CA ALA C 47 3.73 44.50 1.18
C ALA C 47 4.25 45.77 0.51
N LYS C 48 5.42 45.70 -0.13
CA LYS C 48 5.88 46.85 -0.90
C LYS C 48 5.34 46.73 -2.32
N LEU C 49 4.68 47.78 -2.79
CA LEU C 49 3.99 47.71 -4.07
C LEU C 49 4.60 48.60 -5.11
N TYR C 50 4.70 48.09 -6.32
CA TYR C 50 5.11 48.88 -7.49
C TYR C 50 3.94 49.72 -8.00
N ARG C 51 4.20 50.55 -9.02
CA ARG C 51 3.15 51.34 -9.65
C ARG C 51 2.24 50.45 -10.50
N ASN C 52 1.18 49.93 -9.89
CA ASN C 52 0.29 48.99 -10.55
C ASN C 52 -1.16 49.15 -10.08
N ARG C 53 -2.07 48.35 -10.62
CA ARG C 53 -3.49 48.49 -10.27
C ARG C 53 -3.74 48.13 -8.82
N THR C 54 -2.98 47.18 -8.28
CA THR C 54 -3.12 46.83 -6.87
C THR C 54 -2.88 48.06 -5.98
N ARG C 55 -1.79 48.79 -6.24
CA ARG C 55 -1.49 49.95 -5.41
C ARG C 55 -2.55 51.04 -5.60
N ALA C 56 -2.97 51.25 -6.85
CA ALA C 56 -3.97 52.27 -7.15
C ALA C 56 -5.28 51.97 -6.45
N ASN C 57 -5.71 50.70 -6.47
CA ASN C 57 -6.93 50.31 -5.76
C ASN C 57 -6.80 50.44 -4.25
N LEU C 58 -5.67 50.02 -3.69
CA LEU C 58 -5.51 50.09 -2.24
C LEU C 58 -5.46 51.53 -1.71
N GLU C 59 -4.86 52.43 -2.49
CA GLU C 59 -4.87 53.85 -2.16
C GLU C 59 -6.30 54.36 -1.99
N ARG C 60 -7.20 53.85 -2.83
CA ARG C 60 -8.59 54.29 -2.81
C ARG C 60 -9.43 53.57 -1.75
N SER C 61 -9.30 52.25 -1.67
CA SER C 61 -10.24 51.41 -0.89
C SER C 61 -9.75 50.96 0.49
N GLY C 62 -8.44 50.77 0.62
CA GLY C 62 -7.85 50.23 1.84
C GLY C 62 -8.24 48.79 2.18
N VAL C 63 -8.64 48.01 1.17
CA VAL C 63 -9.05 46.63 1.41
C VAL C 63 -8.37 45.70 0.42
N LEU C 64 -7.65 44.73 0.95
CA LEU C 64 -6.91 43.76 0.15
C LEU C 64 -7.40 42.38 0.50
N PHE C 65 -7.81 41.61 -0.51
CA PHE C 65 -8.02 40.18 -0.31
C PHE C 65 -6.80 39.43 -0.81
N ALA C 66 -6.49 38.32 -0.15
CA ALA C 66 -5.38 37.48 -0.61
C ALA C 66 -5.94 36.10 -0.85
N ASN C 67 -5.49 35.44 -1.92
CA ASN C 67 -5.76 34.03 -2.10
C ASN C 67 -4.43 33.29 -2.00
N VAL C 68 -4.41 32.27 -1.14
CA VAL C 68 -3.27 31.39 -0.99
C VAL C 68 -3.47 30.22 -1.94
N THR C 69 -2.56 30.09 -2.90
CA THR C 69 -2.67 29.07 -3.95
C THR C 69 -1.28 28.66 -4.43
N ASP C 70 -1.15 27.42 -4.86
CA ASP C 70 0.10 26.93 -5.44
C ASP C 70 -0.03 26.65 -6.94
N ASP C 71 -0.98 27.32 -7.58
CA ASP C 71 -1.32 27.10 -8.98
C ASP C 71 -0.43 27.96 -9.85
N ALA C 72 0.52 27.31 -10.52
CA ALA C 72 1.48 27.99 -11.40
C ALA C 72 0.77 28.84 -12.48
N LEU C 73 -0.35 28.32 -12.98
CA LEU C 73 -1.06 28.98 -14.05
C LEU C 73 -1.65 30.32 -13.63
N VAL C 74 -2.23 30.37 -12.43
CA VAL C 74 -2.80 31.61 -11.91
C VAL C 74 -1.71 32.67 -11.73
N PHE C 75 -0.54 32.25 -11.23
CA PHE C 75 0.57 33.19 -11.09
C PHE C 75 1.06 33.71 -12.44
N ALA C 76 1.16 32.81 -13.41
CA ALA C 76 1.66 33.20 -14.73
C ALA C 76 0.70 34.16 -15.44
N VAL C 77 -0.59 33.82 -15.45
CA VAL C 77 -1.55 34.67 -16.12
C VAL C 77 -1.65 36.04 -15.45
N SER C 78 -1.78 36.04 -14.13
CA SER C 78 -2.00 37.31 -13.40
C SER C 78 -0.76 38.20 -13.32
N SER C 79 0.42 37.64 -13.60
CA SER C 79 1.64 38.43 -13.65
C SER C 79 1.65 39.41 -14.84
N PHE C 80 0.86 39.09 -15.86
CA PHE C 80 0.89 39.84 -17.12
C PHE C 80 -0.46 40.41 -17.57
N GLY C 81 -1.50 40.19 -16.78
CA GLY C 81 -2.82 40.69 -17.10
C GLY C 81 -3.82 40.26 -16.05
N ASN C 82 -5.04 40.77 -16.13
CA ASN C 82 -6.04 40.42 -15.14
C ASN C 82 -6.63 39.04 -15.40
N LEU C 83 -7.21 38.44 -14.38
CA LEU C 83 -7.94 37.20 -14.54
C LEU C 83 -9.37 37.56 -14.90
N ASN C 84 -10.05 36.70 -15.67
CA ASN C 84 -11.46 36.94 -15.97
C ASN C 84 -12.35 36.25 -14.96
N ASP C 85 -13.63 36.61 -14.98
CA ASP C 85 -14.62 36.11 -14.03
C ASP C 85 -14.63 34.59 -13.94
N ASP C 86 -14.25 33.93 -15.04
CA ASP C 86 -14.23 32.47 -15.12
C ASP C 86 -13.23 31.80 -14.17
N TRP C 87 -12.24 32.57 -13.68
CA TRP C 87 -11.25 32.04 -12.77
C TRP C 87 -11.78 31.96 -11.32
N TYR C 88 -12.90 32.62 -11.04
CA TYR C 88 -13.39 32.74 -9.66
C TYR C 88 -14.44 31.70 -9.29
N ALA C 89 -14.26 31.08 -8.13
CA ALA C 89 -15.25 30.16 -7.57
C ALA C 89 -16.33 30.91 -6.80
N SER C 90 -15.94 32.08 -6.27
CA SER C 90 -16.82 32.94 -5.46
C SER C 90 -16.48 34.40 -5.78
N PRO C 91 -17.50 35.25 -5.99
CA PRO C 91 -17.22 36.67 -6.22
C PRO C 91 -17.07 37.50 -4.95
N ASN C 92 -17.61 37.01 -3.84
CA ASN C 92 -17.61 37.74 -2.58
C ASN C 92 -17.75 36.80 -1.38
N PRO C 93 -16.65 36.56 -0.65
CA PRO C 93 -15.34 37.16 -0.91
C PRO C 93 -14.73 36.54 -2.16
N PRO C 94 -13.78 37.24 -2.77
CA PRO C 94 -13.30 36.67 -4.00
C PRO C 94 -12.24 35.58 -3.96
N ILE C 95 -12.46 34.45 -4.62
CA ILE C 95 -11.98 33.13 -4.17
C ILE C 95 -11.74 32.52 -5.56
N ILE C 96 -10.49 32.51 -6.00
CA ILE C 96 -10.10 31.90 -7.26
C ILE C 96 -10.22 30.38 -7.17
N LYS C 97 -10.69 29.76 -8.26
CA LYS C 97 -10.81 28.30 -8.28
C LYS C 97 -9.48 27.67 -7.91
N GLY C 98 -9.52 26.68 -7.01
CA GLY C 98 -8.33 25.96 -6.62
C GLY C 98 -7.56 26.56 -5.45
N ALA C 99 -7.94 27.77 -5.02
CA ALA C 99 -7.30 28.39 -3.86
C ALA C 99 -7.44 27.51 -2.62
N MSE C 100 -6.37 27.47 -1.83
CA MSE C 100 -6.39 26.73 -0.57
C MSE C 100 -6.98 27.54 0.58
O MSE C 100 -7.50 26.97 1.53
CB MSE C 100 -4.97 26.26 -0.21
CG MSE C 100 -4.46 25.13 -1.08
SE MSE C 100 -2.65 24.66 -0.56
CE MSE C 100 -1.74 26.23 -1.27
N ALA C 101 -6.83 28.85 0.51
CA ALA C 101 -7.33 29.74 1.58
C ALA C 101 -7.51 31.14 1.04
N TRP C 102 -8.34 31.94 1.71
CA TRP C 102 -8.44 33.36 1.39
C TRP C 102 -8.37 34.11 2.71
N CYS C 103 -7.96 35.37 2.62
CA CYS C 103 -8.09 36.25 3.77
CA CYS C 103 -7.87 36.29 3.76
C CYS C 103 -8.29 37.68 3.32
N ARG C 104 -8.72 38.50 4.27
CA ARG C 104 -9.00 39.91 4.03
C ARG C 104 -8.13 40.74 4.94
N PHE C 105 -7.51 41.78 4.38
CA PHE C 105 -6.69 42.70 5.17
C PHE C 105 -7.24 44.09 5.00
N GLU C 106 -7.19 44.89 6.06
CA GLU C 106 -7.33 46.32 5.89
CA GLU C 106 -7.33 46.33 5.88
C GLU C 106 -5.92 46.86 5.63
N ALA C 107 -5.82 47.86 4.77
CA ALA C 107 -4.51 48.33 4.34
C ALA C 107 -4.40 49.83 4.50
N GLU C 108 -3.23 50.28 4.93
CA GLU C 108 -2.88 51.71 4.97
C GLU C 108 -1.59 51.87 4.16
N MSE C 109 -1.65 52.69 3.11
CA MSE C 109 -0.47 52.95 2.25
C MSE C 109 0.38 54.03 2.88
O MSE C 109 -0.12 55.11 3.21
CB MSE C 109 -0.88 53.41 0.85
CG MSE C 109 -1.73 52.45 0.02
SE MSE C 109 -0.74 50.80 -0.37
CE MSE C 109 1.02 51.55 -0.88
N ARG C 110 1.66 53.74 3.03
CA ARG C 110 2.65 54.74 3.48
C ARG C 110 3.93 54.52 2.69
N SER C 111 4.37 55.55 1.97
CA SER C 111 5.63 55.47 1.22
C SER C 111 5.73 54.17 0.39
N GLY C 112 4.64 53.85 -0.33
CA GLY C 112 4.68 52.71 -1.25
C GLY C 112 4.50 51.35 -0.60
N VAL C 113 4.33 51.32 0.72
CA VAL C 113 4.16 50.07 1.48
C VAL C 113 2.73 49.98 1.99
N ALA C 114 2.10 48.83 1.74
CA ALA C 114 0.78 48.56 2.27
C ALA C 114 0.97 47.94 3.63
N HIS C 115 0.55 48.65 4.67
CA HIS C 115 0.61 48.15 6.03
C HIS C 115 -0.73 47.46 6.28
N LEU C 116 -0.66 46.17 6.58
CA LEU C 116 -1.82 45.29 6.58
C LEU C 116 -2.22 44.79 7.95
N LYS C 117 -3.52 44.71 8.18
CA LYS C 117 -4.07 44.09 9.39
C LYS C 117 -5.07 43.05 8.97
N LEU C 118 -4.84 41.81 9.38
CA LEU C 118 -5.72 40.69 9.04
C LEU C 118 -7.07 40.83 9.75
N THR C 119 -8.17 40.75 9.00
CA THR C 119 -9.52 40.92 9.61
C THR C 119 -10.49 39.77 9.39
N ASP C 120 -10.19 38.88 8.43
CA ASP C 120 -11.10 37.77 8.09
C ASP C 120 -10.35 36.76 7.24
N GLY C 121 -10.94 35.58 7.09
CA GLY C 121 -10.36 34.57 6.20
C GLY C 121 -10.85 33.18 6.55
N GLU C 122 -10.57 32.25 5.66
CA GLU C 122 -10.89 30.86 5.93
C GLU C 122 -10.02 29.96 5.06
N ILE C 123 -9.70 28.79 5.61
CA ILE C 123 -9.10 27.73 4.82
C ILE C 123 -10.22 27.08 4.01
N ILE C 124 -9.98 26.92 2.71
CA ILE C 124 -10.95 26.35 1.77
C ILE C 124 -10.64 24.88 1.51
N GLU C 125 -9.36 24.59 1.28
CA GLU C 125 -8.94 23.25 0.92
C GLU C 125 -7.50 23.02 1.33
N LYS C 126 -7.28 22.11 2.28
CA LYS C 126 -5.92 21.67 2.57
C LYS C 126 -5.53 20.64 1.52
N ARG C 127 -4.24 20.58 1.20
CA ARG C 127 -3.77 19.67 0.14
C ARG C 127 -2.45 19.00 0.48
N VAL C 128 -2.12 17.99 -0.34
CA VAL C 128 -0.79 17.39 -0.29
CA VAL C 128 -0.81 17.35 -0.29
C VAL C 128 -0.21 17.37 -1.69
N ARG C 129 0.98 17.94 -1.83
CA ARG C 129 1.73 17.80 -3.07
C ARG C 129 3.20 17.70 -2.73
N ALA C 130 3.85 16.72 -3.35
CA ALA C 130 5.29 16.60 -3.23
C ALA C 130 5.96 17.83 -3.81
N ILE C 131 7.10 18.19 -3.22
CA ILE C 131 7.96 19.25 -3.75
C ILE C 131 8.18 19.03 -5.23
N ASN C 132 7.99 20.12 -5.99
CA ASN C 132 8.18 20.07 -7.43
C ASN C 132 9.04 21.25 -7.91
N ARG C 133 10.21 20.94 -8.47
CA ARG C 133 11.15 22.00 -8.88
C ARG C 133 10.63 22.77 -10.09
N GLY C 134 9.70 22.17 -10.82
CA GLY C 134 9.05 22.87 -11.92
C GLY C 134 8.22 24.03 -11.41
N LEU C 135 7.52 23.83 -10.30
CA LEU C 135 6.78 24.93 -9.69
C LEU C 135 7.75 26.03 -9.24
N SER C 136 8.86 25.63 -8.60
CA SER C 136 9.90 26.59 -8.18
C SER C 136 10.39 27.39 -9.38
N ALA C 137 10.57 26.69 -10.48
CA ALA C 137 11.12 27.29 -11.69
C ALA C 137 10.16 28.31 -12.33
N VAL C 138 8.87 28.01 -12.33
CA VAL C 138 7.89 28.97 -12.83
C VAL C 138 7.96 30.25 -11.99
N ILE C 139 7.96 30.11 -10.67
CA ILE C 139 7.99 31.28 -9.79
C ILE C 139 9.24 32.13 -9.99
N GLU C 140 10.40 31.48 -10.04
CA GLU C 140 11.66 32.21 -10.29
C GLU C 140 11.62 32.89 -11.65
N ALA C 141 11.15 32.17 -12.67
CA ALA C 141 11.10 32.72 -14.02
C ALA C 141 10.22 33.96 -14.08
N LEU C 142 9.12 33.96 -13.32
CA LEU C 142 8.26 35.15 -13.26
C LEU C 142 8.99 36.36 -12.72
N VAL C 143 9.84 36.17 -11.71
CA VAL C 143 10.64 37.26 -11.16
C VAL C 143 11.54 37.86 -12.25
N HIS C 144 12.23 37.01 -12.99
CA HIS C 144 13.14 37.48 -14.03
C HIS C 144 12.43 38.04 -15.25
N ALA C 145 11.31 37.41 -15.63
CA ALA C 145 10.57 37.83 -16.82
C ALA C 145 9.93 39.20 -16.62
N THR C 146 9.42 39.44 -15.41
CA THR C 146 8.79 40.74 -15.12
C THR C 146 9.84 41.85 -15.12
N ARG C 147 11.06 41.53 -14.68
CA ARG C 147 12.18 42.46 -14.81
C ARG C 147 12.59 42.67 -16.27
N TYR C 148 12.76 41.56 -16.99
CA TYR C 148 13.12 41.55 -18.41
C TYR C 148 12.27 42.53 -19.22
N VAL C 149 10.95 42.51 -19.03
CA VAL C 149 10.07 43.36 -19.86
C VAL C 149 10.12 44.85 -19.49
N ALA C 150 10.70 45.14 -18.32
CA ALA C 150 10.76 46.51 -17.79
C ALA C 150 12.09 47.20 -18.09
N ILE C 151 13.01 46.49 -18.73
CA ILE C 151 14.31 47.08 -19.01
C ILE C 151 14.62 47.09 -20.52
N LYS C 152 15.48 48.03 -20.92
CA LYS C 152 15.82 48.19 -22.33
C LYS C 152 17.21 47.68 -22.66
N SER C 153 18.08 47.63 -21.65
CA SER C 153 19.46 47.19 -21.85
C SER C 153 19.56 45.81 -22.47
N ASP C 154 20.16 45.74 -23.65
CA ASP C 154 20.34 44.45 -24.33
C ASP C 154 21.22 43.48 -23.52
N GLU C 155 22.25 44.00 -22.84
CA GLU C 155 23.15 43.16 -22.03
C GLU C 155 22.46 42.61 -20.77
N ARG C 156 21.70 43.46 -20.09
CA ARG C 156 20.93 43.03 -18.92
C ARG C 156 19.83 42.05 -19.34
N ARG C 157 19.18 42.34 -20.47
CA ARG C 157 18.14 41.45 -21.00
C ARG C 157 18.70 40.08 -21.38
N LYS C 158 19.88 40.08 -22.00
CA LYS C 158 20.55 38.83 -22.33
C LYS C 158 20.78 37.96 -21.10
N GLU C 159 21.27 38.57 -20.01
CA GLU C 159 21.53 37.89 -18.75
C GLU C 159 20.25 37.31 -18.16
N LEU C 160 19.17 38.10 -18.20
CA LEU C 160 17.89 37.64 -17.66
C LEU C 160 17.30 36.52 -18.50
N LEU C 161 17.48 36.58 -19.81
CA LEU C 161 16.93 35.55 -20.69
C LEU C 161 17.65 34.23 -20.47
N GLU C 162 18.95 34.31 -20.20
CA GLU C 162 19.73 33.11 -19.83
C GLU C 162 19.20 32.45 -18.56
N ARG C 163 18.83 33.26 -17.57
CA ARG C 163 18.23 32.75 -16.33
C ARG C 163 16.89 32.10 -16.65
N ILE C 164 16.07 32.80 -17.42
CA ILE C 164 14.77 32.25 -17.83
C ILE C 164 14.93 30.91 -18.57
N HIS C 165 15.87 30.84 -19.50
CA HIS C 165 16.15 29.55 -20.19
C HIS C 165 16.61 28.43 -19.23
N TYR C 166 17.41 28.81 -18.24
CA TYR C 166 17.88 27.88 -17.21
C TYR C 166 16.68 27.28 -16.47
N TYR C 167 15.78 28.17 -16.03
CA TYR C 167 14.57 27.69 -15.36
C TYR C 167 13.62 26.94 -16.32
N ARG C 168 13.60 27.31 -17.60
CA ARG C 168 12.80 26.54 -18.55
C ARG C 168 13.23 25.07 -18.62
N GLU C 169 14.54 24.83 -18.58
CA GLU C 169 15.05 23.46 -18.66
C GLU C 169 14.56 22.67 -17.44
N ILE C 170 14.57 23.32 -16.27
CA ILE C 170 14.05 22.69 -15.04
C ILE C 170 12.55 22.36 -15.16
N VAL C 171 11.75 23.30 -15.68
CA VAL C 171 10.32 23.04 -15.78
CA VAL C 171 10.31 23.04 -15.81
C VAL C 171 10.03 21.91 -16.79
N GLN C 172 10.82 21.86 -17.87
CA GLN C 172 10.58 20.82 -18.88
C GLN C 172 10.91 19.43 -18.33
N LYS C 173 11.93 19.35 -17.49
CA LYS C 173 12.34 18.09 -16.88
C LYS C 173 11.45 17.71 -15.69
N CYS C 174 11.10 18.68 -14.84
CA CYS C 174 10.52 18.41 -13.52
C CYS C 174 9.04 18.73 -13.39
N GLY C 175 8.57 19.69 -14.17
CA GLY C 175 7.22 20.19 -13.99
C GLY C 175 6.13 19.24 -14.42
N SER C 176 4.94 19.43 -13.84
CA SER C 176 3.75 18.78 -14.33
C SER C 176 3.27 19.55 -15.58
N GLU C 177 2.30 19.00 -16.30
CA GLU C 177 1.80 19.72 -17.47
C GLU C 177 1.31 21.13 -17.12
N ARG C 178 0.78 21.31 -15.90
CA ARG C 178 0.31 22.62 -15.48
C ARG C 178 1.43 23.67 -15.40
N GLU C 179 2.59 23.26 -14.87
CA GLU C 179 3.74 24.14 -14.80
C GLU C 179 4.32 24.43 -16.18
N LYS C 180 4.32 23.40 -17.03
CA LYS C 180 4.79 23.59 -18.40
C LYS C 180 3.92 24.57 -19.19
N ARG C 181 2.60 24.48 -18.99
CA ARG C 181 1.62 25.38 -19.59
C ARG C 181 1.86 26.80 -19.09
N ALA C 182 2.07 26.93 -17.77
CA ALA C 182 2.36 28.24 -17.17
C ALA C 182 3.63 28.84 -17.74
N PHE C 183 4.66 28.03 -17.92
CA PHE C 183 5.92 28.54 -18.45
C PHE C 183 5.78 29.01 -19.90
N GLU C 184 4.97 28.33 -20.71
CA GLU C 184 4.78 28.77 -22.09
C GLU C 184 4.11 30.14 -22.14
N ILE C 185 3.23 30.44 -21.19
CA ILE C 185 2.63 31.76 -21.07
C ILE C 185 3.73 32.81 -20.87
N ILE C 186 4.65 32.54 -19.95
CA ILE C 186 5.78 33.43 -19.72
C ILE C 186 6.56 33.68 -21.00
N MSE C 187 6.93 32.60 -21.69
CA MSE C 187 7.70 32.72 -22.93
C MSE C 187 6.97 33.58 -23.97
O MSE C 187 7.59 34.43 -24.63
CB MSE C 187 8.07 31.36 -23.50
CG MSE C 187 8.94 30.55 -22.55
SE MSE C 187 10.70 31.36 -22.25
CE MSE C 187 11.58 30.85 -23.90
N GLU C 188 5.66 33.35 -24.11
CA GLU C 188 4.84 34.13 -25.06
C GLU C 188 4.82 35.60 -24.68
N LYS C 189 4.59 35.87 -23.40
CA LYS C 189 4.41 37.24 -22.94
C LYS C 189 5.66 38.08 -23.12
N ILE C 190 6.84 37.47 -23.00
CA ILE C 190 8.10 38.21 -23.12
C ILE C 190 8.64 38.30 -24.55
N GLY C 191 7.95 37.64 -25.48
CA GLY C 191 8.33 37.68 -26.89
C GLY C 191 9.26 36.57 -27.32
N GLU C 192 9.27 35.47 -26.57
CA GLU C 192 10.09 34.33 -26.93
C GLU C 192 9.20 33.12 -27.25
N LEU D 3 -15.83 -48.50 11.31
CA LEU D 3 -15.04 -47.53 10.49
C LEU D 3 -14.50 -46.40 11.36
N ARG D 4 -13.45 -45.72 10.86
CA ARG D 4 -12.87 -44.58 11.58
C ARG D 4 -12.96 -43.34 10.71
N LEU D 5 -13.44 -42.26 11.30
CA LEU D 5 -13.57 -41.00 10.57
C LEU D 5 -12.23 -40.52 10.00
N ALA D 6 -11.15 -40.73 10.74
CA ALA D 6 -9.82 -40.29 10.30
C ALA D 6 -9.40 -40.92 8.99
N ASP D 7 -9.93 -42.11 8.71
CA ASP D 7 -9.59 -42.83 7.48
C ASP D 7 -10.26 -42.25 6.23
N PHE D 8 -11.13 -41.26 6.40
CA PHE D 8 -11.80 -40.64 5.27
C PHE D 8 -11.55 -39.13 5.19
N GLY D 9 -10.53 -38.66 5.91
CA GLY D 9 -10.11 -37.27 5.82
C GLY D 9 -10.64 -36.35 6.91
N PHE D 10 -11.35 -36.92 7.88
CA PHE D 10 -11.87 -36.14 8.99
C PHE D 10 -10.87 -36.04 10.14
N THR D 11 -10.80 -34.88 10.79
CA THR D 11 -10.07 -34.74 12.05
C THR D 11 -11.00 -34.34 13.18
N ASP D 12 -10.50 -34.38 14.42
CA ASP D 12 -11.25 -33.72 15.48
C ASP D 12 -11.38 -32.24 15.11
N GLY D 13 -12.42 -31.59 15.60
CA GLY D 13 -12.71 -30.20 15.26
C GLY D 13 -13.94 -30.17 14.36
N ILE D 14 -13.99 -29.22 13.43
CA ILE D 14 -15.12 -29.15 12.49
C ILE D 14 -14.57 -29.28 11.08
N ASN D 15 -15.19 -30.15 10.31
CA ASN D 15 -14.73 -30.53 8.98
C ASN D 15 -15.74 -30.02 7.98
N GLU D 16 -15.34 -29.10 7.12
CA GLU D 16 -16.26 -28.52 6.16
C GLU D 16 -16.30 -29.43 4.94
N ILE D 17 -17.48 -30.01 4.71
CA ILE D 17 -17.69 -30.96 3.61
C ILE D 17 -18.94 -30.61 2.80
N ILE D 18 -19.14 -31.30 1.69
CA ILE D 18 -20.39 -31.15 0.93
C ILE D 18 -21.38 -32.22 1.36
N ALA D 19 -22.48 -31.77 1.96
CA ALA D 19 -23.53 -32.69 2.44
C ALA D 19 -24.51 -32.96 1.31
N ILE D 20 -24.65 -34.24 0.96
CA ILE D 20 -25.56 -34.63 -0.10
C ILE D 20 -26.72 -35.44 0.52
N THR D 21 -27.94 -34.96 0.30
CA THR D 21 -29.12 -35.60 0.86
C THR D 21 -30.20 -35.76 -0.20
N GLU D 22 -31.08 -36.72 0.02
CA GLU D 22 -32.13 -37.03 -0.95
C GLU D 22 -33.35 -36.12 -0.79
N ASN D 23 -33.74 -35.48 -1.90
CA ASN D 23 -34.95 -34.66 -1.95
C ASN D 23 -36.18 -35.56 -2.02
N GLU D 24 -37.35 -34.95 -1.84
CA GLU D 24 -38.63 -35.65 -1.92
C GLU D 24 -38.80 -36.41 -3.22
N ASP D 25 -38.33 -35.83 -4.33
CA ASP D 25 -38.49 -36.45 -5.65
C ASP D 25 -37.39 -37.43 -6.02
N GLY D 26 -36.47 -37.68 -5.09
CA GLY D 26 -35.38 -38.62 -5.32
C GLY D 26 -34.09 -38.01 -5.87
N SER D 27 -34.14 -36.73 -6.23
CA SER D 27 -32.94 -36.02 -6.70
C SER D 27 -32.06 -35.70 -5.50
N TRP D 28 -30.81 -35.36 -5.76
CA TRP D 28 -29.88 -35.00 -4.68
C TRP D 28 -29.91 -33.49 -4.43
N ASN D 29 -29.73 -33.14 -3.16
CA ASN D 29 -29.45 -31.77 -2.74
C ASN D 29 -28.02 -31.73 -2.23
N ALA D 30 -27.24 -30.73 -2.65
CA ALA D 30 -25.86 -30.61 -2.16
C ALA D 30 -25.67 -29.25 -1.49
N ALA D 31 -25.03 -29.24 -0.33
CA ALA D 31 -24.81 -28.01 0.45
C ALA D 31 -23.62 -28.17 1.39
N PRO D 32 -22.78 -27.13 1.54
CA PRO D 32 -21.71 -27.25 2.54
C PRO D 32 -22.24 -27.31 3.96
N ILE D 33 -21.68 -28.20 4.77
CA ILE D 33 -22.06 -28.32 6.18
C ILE D 33 -20.79 -28.67 6.95
N GLY D 34 -20.73 -28.26 8.22
CA GLY D 34 -19.59 -28.67 9.06
C GLY D 34 -19.91 -29.93 9.85
N ILE D 35 -19.07 -30.95 9.72
CA ILE D 35 -19.22 -32.16 10.53
C ILE D 35 -18.27 -32.08 11.73
N ILE D 36 -18.86 -32.07 12.93
CA ILE D 36 -18.17 -31.83 14.20
C ILE D 36 -17.73 -33.17 14.75
N VAL D 37 -16.43 -33.29 15.03
CA VAL D 37 -15.85 -34.56 15.45
C VAL D 37 -15.08 -34.37 16.76
N GLU D 38 -15.40 -35.17 17.78
CA GLU D 38 -14.65 -35.13 19.05
C GLU D 38 -13.48 -36.11 19.03
N ASP D 39 -13.66 -37.23 18.34
CA ASP D 39 -12.65 -38.29 18.29
C ASP D 39 -12.63 -38.92 16.90
N SER D 40 -11.60 -38.58 16.12
CA SER D 40 -11.50 -39.06 14.73
C SER D 40 -11.23 -40.57 14.60
N SER D 41 -10.86 -41.20 15.72
CA SER D 41 -10.68 -42.66 15.72
C SER D 41 -12.02 -43.38 15.83
N SER D 42 -13.09 -42.62 16.09
CA SER D 42 -14.45 -43.17 16.24
C SER D 42 -15.26 -43.10 14.94
N ASP D 43 -16.49 -43.63 15.00
CA ASP D 43 -17.41 -43.56 13.87
C ASP D 43 -18.57 -42.60 14.17
N THR D 44 -18.43 -41.77 15.21
CA THR D 44 -19.50 -40.88 15.65
CA THR D 44 -19.50 -40.87 15.68
C THR D 44 -19.15 -39.40 15.42
N ALA D 45 -20.15 -38.63 15.02
CA ALA D 45 -19.97 -37.21 14.74
C ALA D 45 -21.32 -36.52 14.87
N LYS D 46 -21.33 -35.19 14.72
CA LYS D 46 -22.54 -34.39 14.82
C LYS D 46 -22.50 -33.27 13.80
N ALA D 47 -23.67 -32.72 13.49
CA ALA D 47 -23.76 -31.50 12.70
C ALA D 47 -24.88 -30.67 13.27
N LYS D 48 -24.71 -29.35 13.28
CA LYS D 48 -25.74 -28.45 13.77
C LYS D 48 -26.33 -27.77 12.55
N LEU D 49 -27.64 -27.92 12.37
CA LEU D 49 -28.28 -27.46 11.16
C LEU D 49 -29.39 -26.46 11.44
N TYR D 50 -29.35 -25.34 10.72
CA TYR D 50 -30.48 -24.44 10.65
C TYR D 50 -31.59 -25.07 9.80
N ARG D 51 -32.73 -24.38 9.69
CA ARG D 51 -33.89 -24.93 8.98
CA ARG D 51 -33.91 -24.89 8.99
C ARG D 51 -33.74 -24.81 7.47
N ASN D 52 -32.89 -25.68 6.92
CA ASN D 52 -32.53 -25.68 5.50
C ASN D 52 -32.95 -27.01 4.84
N ARG D 53 -32.69 -27.14 3.55
CA ARG D 53 -33.06 -28.36 2.80
C ARG D 53 -32.34 -29.61 3.33
N THR D 54 -31.08 -29.45 3.71
CA THR D 54 -30.32 -30.59 4.27
C THR D 54 -31.05 -31.14 5.51
N ARG D 55 -31.41 -30.25 6.43
CA ARG D 55 -32.12 -30.67 7.62
C ARG D 55 -33.47 -31.32 7.29
N ALA D 56 -34.24 -30.70 6.39
CA ALA D 56 -35.56 -31.25 6.00
C ALA D 56 -35.39 -32.65 5.43
N ASN D 57 -34.39 -32.80 4.56
CA ASN D 57 -34.11 -34.09 3.94
C ASN D 57 -33.72 -35.15 4.96
N LEU D 58 -32.88 -34.78 5.94
CA LEU D 58 -32.46 -35.74 6.96
C LEU D 58 -33.63 -36.16 7.87
N GLU D 59 -34.52 -35.23 8.18
CA GLU D 59 -35.69 -35.57 8.99
CA GLU D 59 -35.72 -35.54 8.96
C GLU D 59 -36.53 -36.64 8.29
N ARG D 60 -36.50 -36.67 6.95
CA ARG D 60 -37.29 -37.62 6.17
C ARG D 60 -36.59 -38.98 5.99
N SER D 61 -35.26 -38.94 5.82
CA SER D 61 -34.51 -40.13 5.40
C SER D 61 -33.49 -40.66 6.42
N GLY D 62 -32.94 -39.78 7.24
CA GLY D 62 -31.88 -40.17 8.17
C GLY D 62 -30.61 -40.65 7.49
N VAL D 63 -30.34 -40.18 6.27
CA VAL D 63 -29.13 -40.60 5.54
C VAL D 63 -28.41 -39.37 5.02
N LEU D 64 -27.16 -39.19 5.44
CA LEU D 64 -26.33 -38.09 4.99
C LEU D 64 -25.14 -38.66 4.21
N PHE D 65 -24.95 -38.25 2.96
CA PHE D 65 -23.69 -38.54 2.29
C PHE D 65 -22.80 -37.30 2.45
N ALA D 66 -21.50 -37.52 2.62
CA ALA D 66 -20.56 -36.42 2.64
C ALA D 66 -19.59 -36.62 1.50
N ASN D 67 -19.17 -35.53 0.87
CA ASN D 67 -18.08 -35.59 -0.09
C ASN D 67 -16.99 -34.69 0.50
N VAL D 68 -15.79 -35.25 0.58
CA VAL D 68 -14.65 -34.51 1.08
C VAL D 68 -13.95 -33.93 -0.13
N THR D 69 -13.90 -32.61 -0.23
CA THR D 69 -13.29 -31.97 -1.40
C THR D 69 -12.66 -30.66 -1.01
N ASP D 70 -11.68 -30.22 -1.81
CA ASP D 70 -11.04 -28.92 -1.57
C ASP D 70 -11.30 -27.96 -2.73
N ASP D 71 -12.36 -28.24 -3.49
CA ASP D 71 -12.66 -27.48 -4.69
C ASP D 71 -13.47 -26.23 -4.33
N ALA D 72 -12.84 -25.07 -4.46
CA ALA D 72 -13.49 -23.80 -4.12
C ALA D 72 -14.76 -23.57 -4.92
N LEU D 73 -14.77 -24.01 -6.17
CA LEU D 73 -15.94 -23.80 -7.02
CA LEU D 73 -15.94 -23.82 -7.03
C LEU D 73 -17.14 -24.64 -6.56
N VAL D 74 -16.90 -25.87 -6.14
CA VAL D 74 -17.98 -26.73 -5.64
C VAL D 74 -18.58 -26.08 -4.40
N PHE D 75 -17.72 -25.60 -3.51
CA PHE D 75 -18.21 -24.91 -2.32
C PHE D 75 -19.00 -23.66 -2.68
N ALA D 76 -18.48 -22.83 -3.59
CA ALA D 76 -19.16 -21.57 -3.92
C ALA D 76 -20.52 -21.83 -4.56
N VAL D 77 -20.58 -22.73 -5.53
CA VAL D 77 -21.84 -22.96 -6.25
C VAL D 77 -22.88 -23.55 -5.31
N SER D 78 -22.49 -24.59 -4.56
CA SER D 78 -23.43 -25.29 -3.68
C SER D 78 -23.88 -24.46 -2.47
N SER D 79 -23.13 -23.40 -2.16
CA SER D 79 -23.50 -22.49 -1.06
C SER D 79 -24.80 -21.72 -1.37
N PHE D 80 -25.10 -21.52 -2.66
CA PHE D 80 -26.19 -20.63 -3.09
C PHE D 80 -27.24 -21.28 -3.97
N GLY D 81 -27.03 -22.54 -4.30
CA GLY D 81 -27.98 -23.22 -5.16
C GLY D 81 -27.59 -24.66 -5.26
N ASN D 82 -28.39 -25.45 -5.97
CA ASN D 82 -28.07 -26.86 -6.07
C ASN D 82 -27.09 -27.15 -7.21
N LEU D 83 -26.49 -28.34 -7.16
CA LEU D 83 -25.59 -28.80 -8.21
C LEU D 83 -26.34 -29.73 -9.15
N ASN D 84 -26.31 -29.42 -10.43
CA ASN D 84 -26.98 -30.29 -11.40
C ASN D 84 -26.15 -31.53 -11.72
N ASP D 85 -26.68 -32.39 -12.60
CA ASP D 85 -26.08 -33.68 -12.92
C ASP D 85 -24.64 -33.57 -13.39
N ASP D 86 -24.32 -32.48 -14.08
CA ASP D 86 -23.01 -32.27 -14.67
C ASP D 86 -21.90 -32.25 -13.64
N TRP D 87 -22.24 -31.98 -12.38
CA TRP D 87 -21.23 -31.93 -11.32
C TRP D 87 -20.90 -33.31 -10.76
N TYR D 88 -21.74 -34.30 -11.06
CA TYR D 88 -21.57 -35.64 -10.46
C TYR D 88 -20.83 -36.63 -11.34
N ALA D 89 -19.88 -37.33 -10.74
CA ALA D 89 -19.17 -38.43 -11.39
C ALA D 89 -19.92 -39.75 -11.19
N SER D 90 -20.71 -39.83 -10.12
CA SER D 90 -21.51 -41.00 -9.80
C SER D 90 -22.82 -40.55 -9.16
N PRO D 91 -23.97 -41.05 -9.64
CA PRO D 91 -25.23 -40.69 -8.99
C PRO D 91 -25.53 -41.49 -7.71
N ASN D 92 -24.95 -42.68 -7.58
CA ASN D 92 -25.20 -43.52 -6.41
C ASN D 92 -24.05 -44.50 -6.19
N PRO D 93 -23.29 -44.31 -5.10
CA PRO D 93 -23.42 -43.21 -4.14
C PRO D 93 -23.07 -41.88 -4.84
N PRO D 94 -23.61 -40.73 -4.36
CA PRO D 94 -23.39 -39.39 -4.97
C PRO D 94 -21.91 -39.19 -4.69
N ILE D 95 -21.08 -39.29 -5.73
CA ILE D 95 -19.86 -38.50 -5.87
C ILE D 95 -19.72 -37.35 -6.83
N ILE D 96 -19.31 -36.20 -6.29
CA ILE D 96 -19.07 -35.01 -7.08
C ILE D 96 -17.71 -35.15 -7.76
N LYS D 97 -17.64 -34.68 -9.01
CA LYS D 97 -16.39 -34.69 -9.76
C LYS D 97 -15.29 -34.04 -8.94
N GLY D 98 -14.15 -34.71 -8.87
CA GLY D 98 -12.98 -34.18 -8.17
C GLY D 98 -12.94 -34.47 -6.67
N ALA D 99 -13.99 -35.09 -6.13
CA ALA D 99 -14.02 -35.38 -4.69
C ALA D 99 -12.86 -36.30 -4.30
N MSE D 100 -12.31 -36.09 -3.11
CA MSE D 100 -11.24 -36.96 -2.60
C MSE D 100 -11.78 -38.23 -1.93
O MSE D 100 -11.11 -39.27 -1.91
CB MSE D 100 -10.34 -36.21 -1.66
CG MSE D 100 -9.44 -35.20 -2.36
SE MSE D 100 -8.31 -34.26 -1.06
CE MSE D 100 -9.65 -33.03 -0.33
N ALA D 101 -12.96 -38.12 -1.34
CA ALA D 101 -13.57 -39.24 -0.62
C ALA D 101 -15.07 -39.00 -0.50
N TRP D 102 -15.81 -40.08 -0.28
CA TRP D 102 -17.21 -39.94 0.10
C TRP D 102 -17.46 -40.85 1.28
N CYS D 103 -18.47 -40.48 2.07
CA CYS D 103 -18.89 -41.24 3.24
CA CYS D 103 -18.91 -41.38 3.09
C CYS D 103 -20.40 -41.28 3.31
N ARG D 104 -20.94 -42.33 3.93
CA ARG D 104 -22.35 -42.38 4.27
CA ARG D 104 -22.35 -42.35 4.28
C ARG D 104 -22.48 -42.34 5.79
N PHE D 105 -23.38 -41.48 6.28
CA PHE D 105 -23.71 -41.44 7.70
C PHE D 105 -25.18 -41.77 7.89
N GLU D 106 -25.50 -42.57 8.90
CA GLU D 106 -26.86 -42.59 9.42
C GLU D 106 -27.01 -41.34 10.28
N ALA D 107 -28.13 -40.63 10.15
CA ALA D 107 -28.34 -39.38 10.88
C ALA D 107 -29.63 -39.44 11.68
N GLU D 108 -29.54 -39.11 12.96
CA GLU D 108 -30.72 -38.96 13.80
C GLU D 108 -30.85 -37.51 14.22
N MSE D 109 -31.96 -36.88 13.81
CA MSE D 109 -32.21 -35.47 14.06
C MSE D 109 -32.77 -35.29 15.46
O MSE D 109 -33.74 -35.97 15.84
CB MSE D 109 -33.20 -34.86 13.06
CG MSE D 109 -32.72 -34.79 11.63
SE MSE D 109 -31.06 -33.73 11.47
CE MSE D 109 -31.46 -32.25 12.66
N ARG D 110 -32.13 -34.42 16.24
CA ARG D 110 -32.65 -34.06 17.55
C ARG D 110 -32.60 -32.54 17.63
N SER D 111 -33.74 -31.91 17.32
CA SER D 111 -33.89 -30.44 17.38
C SER D 111 -32.78 -29.67 16.69
N GLY D 112 -32.58 -29.97 15.42
CA GLY D 112 -31.59 -29.27 14.64
C GLY D 112 -30.18 -29.78 14.85
N VAL D 113 -29.97 -30.76 15.72
CA VAL D 113 -28.67 -31.46 15.77
C VAL D 113 -28.75 -32.84 15.11
N ALA D 114 -27.89 -33.05 14.10
CA ALA D 114 -27.81 -34.35 13.45
C ALA D 114 -26.76 -35.18 14.17
N HIS D 115 -27.22 -36.28 14.78
CA HIS D 115 -26.32 -37.25 15.41
C HIS D 115 -25.97 -38.28 14.35
N LEU D 116 -24.67 -38.38 14.07
CA LEU D 116 -24.16 -39.12 12.91
C LEU D 116 -23.38 -40.36 13.28
N LYS D 117 -23.60 -41.42 12.50
CA LYS D 117 -22.80 -42.64 12.60
C LYS D 117 -22.29 -43.01 11.23
N LEU D 118 -20.97 -43.06 11.09
CA LEU D 118 -20.32 -43.42 9.83
C LEU D 118 -20.50 -44.89 9.53
N THR D 119 -21.09 -45.20 8.38
CA THR D 119 -21.37 -46.61 8.01
C THR D 119 -20.75 -47.13 6.70
N ASP D 120 -20.34 -46.22 5.82
CA ASP D 120 -19.73 -46.63 4.56
C ASP D 120 -18.91 -45.48 4.01
N GLY D 121 -18.05 -45.78 3.05
CA GLY D 121 -17.27 -44.73 2.42
C GLY D 121 -16.11 -45.29 1.64
N GLU D 122 -15.50 -44.42 0.83
CA GLU D 122 -14.33 -44.82 0.06
C GLU D 122 -13.43 -43.60 -0.11
N ILE D 123 -12.13 -43.83 -0.08
CA ILE D 123 -11.16 -42.85 -0.60
C ILE D 123 -11.16 -42.97 -2.10
N ILE D 124 -11.36 -41.86 -2.79
CA ILE D 124 -11.46 -41.80 -4.25
C ILE D 124 -10.14 -41.32 -4.86
N GLU D 125 -9.58 -40.26 -4.29
CA GLU D 125 -8.34 -39.70 -4.81
C GLU D 125 -7.62 -38.90 -3.75
N LYS D 126 -6.43 -39.36 -3.35
CA LYS D 126 -5.57 -38.55 -2.48
C LYS D 126 -4.83 -37.53 -3.34
N ARG D 127 -4.58 -36.35 -2.76
CA ARG D 127 -3.98 -35.26 -3.54
C ARG D 127 -2.90 -34.55 -2.75
N VAL D 128 -2.17 -33.67 -3.45
CA VAL D 128 -1.22 -32.77 -2.83
C VAL D 128 -1.46 -31.35 -3.35
N ARG D 129 -1.63 -30.41 -2.43
CA ARG D 129 -1.67 -28.99 -2.78
C ARG D 129 -1.06 -28.18 -1.66
N ALA D 130 -0.21 -27.23 -2.04
CA ALA D 130 0.38 -26.28 -1.09
C ALA D 130 -0.70 -25.39 -0.48
N ILE D 131 -0.47 -25.00 0.77
CA ILE D 131 -1.36 -24.05 1.48
CA ILE D 131 -1.41 -24.09 1.43
C ILE D 131 -1.61 -22.84 0.59
N ASN D 132 -2.87 -22.43 0.46
CA ASN D 132 -3.21 -21.27 -0.38
C ASN D 132 -4.20 -20.39 0.38
N ARG D 133 -3.79 -19.16 0.67
CA ARG D 133 -4.66 -18.26 1.45
C ARG D 133 -5.89 -17.84 0.66
N GLY D 134 -5.81 -17.95 -0.66
CA GLY D 134 -6.98 -17.69 -1.53
C GLY D 134 -8.09 -18.68 -1.25
N LEU D 135 -7.73 -19.96 -1.11
CA LEU D 135 -8.70 -20.99 -0.73
C LEU D 135 -9.26 -20.70 0.67
N SER D 136 -8.40 -20.38 1.63
CA SER D 136 -8.87 -19.96 2.95
C SER D 136 -9.89 -18.85 2.86
N ALA D 137 -9.59 -17.87 2.00
CA ALA D 137 -10.41 -16.67 1.93
C ALA D 137 -11.76 -16.94 1.26
N VAL D 138 -11.79 -17.85 0.28
CA VAL D 138 -13.07 -18.27 -0.30
C VAL D 138 -13.96 -18.91 0.74
N ILE D 139 -13.39 -19.82 1.53
CA ILE D 139 -14.15 -20.49 2.57
C ILE D 139 -14.67 -19.51 3.63
N GLU D 140 -13.80 -18.64 4.14
CA GLU D 140 -14.27 -17.63 5.10
C GLU D 140 -15.35 -16.73 4.48
N ALA D 141 -15.14 -16.31 3.22
CA ALA D 141 -16.14 -15.42 2.59
C ALA D 141 -17.48 -16.14 2.42
N LEU D 142 -17.46 -17.44 2.18
CA LEU D 142 -18.70 -18.21 2.05
C LEU D 142 -19.46 -18.27 3.38
N VAL D 143 -18.73 -18.41 4.48
CA VAL D 143 -19.36 -18.36 5.81
C VAL D 143 -20.13 -17.04 5.95
N HIS D 144 -19.48 -15.93 5.63
CA HIS D 144 -20.12 -14.61 5.78
C HIS D 144 -21.20 -14.34 4.73
N ALA D 145 -20.99 -14.87 3.53
CA ALA D 145 -21.89 -14.57 2.39
C ALA D 145 -23.19 -15.38 2.50
N THR D 146 -23.11 -16.61 2.96
CA THR D 146 -24.32 -17.42 3.19
C THR D 146 -25.15 -16.83 4.30
N ARG D 147 -24.49 -16.22 5.28
CA ARG D 147 -25.21 -15.50 6.32
C ARG D 147 -25.83 -14.21 5.77
N TYR D 148 -25.03 -13.44 5.03
CA TYR D 148 -25.47 -12.18 4.43
C TYR D 148 -26.76 -12.33 3.62
N VAL D 149 -26.84 -13.35 2.77
CA VAL D 149 -28.03 -13.53 1.91
C VAL D 149 -29.28 -13.94 2.69
N ALA D 150 -29.06 -14.49 3.89
CA ALA D 150 -30.13 -15.04 4.72
C ALA D 150 -30.72 -14.01 5.66
N ILE D 151 -30.04 -12.87 5.84
CA ILE D 151 -30.45 -11.91 6.86
C ILE D 151 -30.88 -10.55 6.31
N LYS D 152 -31.56 -9.76 7.15
CA LYS D 152 -32.03 -8.44 6.76
C LYS D 152 -31.48 -7.29 7.60
N SER D 153 -30.78 -7.60 8.69
CA SER D 153 -30.16 -6.56 9.51
C SER D 153 -29.21 -5.68 8.70
N ASP D 154 -29.42 -4.37 8.71
CA ASP D 154 -28.51 -3.47 7.99
C ASP D 154 -27.12 -3.43 8.60
N GLU D 155 -27.04 -3.26 9.93
CA GLU D 155 -25.75 -3.23 10.62
CA GLU D 155 -25.75 -3.22 10.60
C GLU D 155 -24.97 -4.52 10.40
N ARG D 156 -25.66 -5.66 10.50
CA ARG D 156 -24.94 -6.91 10.33
C ARG D 156 -24.50 -7.13 8.88
N ARG D 157 -25.38 -6.83 7.93
CA ARG D 157 -25.03 -6.94 6.51
C ARG D 157 -23.83 -6.06 6.19
N LYS D 158 -23.81 -4.85 6.77
CA LYS D 158 -22.65 -3.94 6.59
C LYS D 158 -21.34 -4.59 7.07
N GLU D 159 -21.36 -5.18 8.26
CA GLU D 159 -20.19 -5.86 8.82
C GLU D 159 -19.73 -6.99 7.91
N LEU D 160 -20.68 -7.82 7.50
CA LEU D 160 -20.37 -8.99 6.69
C LEU D 160 -19.81 -8.61 5.34
N LEU D 161 -20.37 -7.56 4.74
CA LEU D 161 -19.88 -7.12 3.42
C LEU D 161 -18.43 -6.63 3.54
N GLU D 162 -18.11 -5.93 4.62
CA GLU D 162 -16.74 -5.49 4.88
C GLU D 162 -15.80 -6.70 4.98
N ARG D 163 -16.23 -7.74 5.67
CA ARG D 163 -15.42 -8.96 5.75
C ARG D 163 -15.23 -9.57 4.37
N ILE D 164 -16.32 -9.63 3.60
CA ILE D 164 -16.25 -10.25 2.27
C ILE D 164 -15.29 -9.48 1.36
N HIS D 165 -15.35 -8.16 1.41
CA HIS D 165 -14.39 -7.34 0.65
C HIS D 165 -12.93 -7.56 1.09
N TYR D 166 -12.72 -7.74 2.39
CA TYR D 166 -11.38 -8.02 2.93
C TYR D 166 -10.87 -9.34 2.35
N TYR D 167 -11.69 -10.39 2.41
CA TYR D 167 -11.26 -11.68 1.87
C TYR D 167 -11.06 -11.65 0.35
N ARG D 168 -11.83 -10.81 -0.33
CA ARG D 168 -11.67 -10.68 -1.77
C ARG D 168 -10.26 -10.23 -2.10
N GLU D 169 -9.72 -9.31 -1.31
CA GLU D 169 -8.37 -8.81 -1.57
C GLU D 169 -7.35 -9.93 -1.46
N ILE D 170 -7.52 -10.78 -0.44
CA ILE D 170 -6.64 -11.93 -0.27
C ILE D 170 -6.75 -12.90 -1.46
N VAL D 171 -7.97 -13.16 -1.95
CA VAL D 171 -8.15 -14.07 -3.08
CA VAL D 171 -8.13 -14.08 -3.07
C VAL D 171 -7.49 -13.52 -4.34
N GLN D 172 -7.58 -12.20 -4.52
CA GLN D 172 -6.99 -11.60 -5.73
C GLN D 172 -5.47 -11.73 -5.71
N LYS D 173 -4.88 -11.58 -4.53
CA LYS D 173 -3.42 -11.60 -4.34
C LYS D 173 -2.90 -13.04 -4.37
N CYS D 174 -3.60 -13.94 -3.68
CA CYS D 174 -3.07 -15.28 -3.38
C CYS D 174 -3.70 -16.42 -4.15
N GLY D 175 -4.97 -16.27 -4.54
CA GLY D 175 -5.70 -17.41 -5.08
C GLY D 175 -5.25 -17.87 -6.46
N SER D 176 -5.53 -19.14 -6.77
CA SER D 176 -5.44 -19.61 -8.15
C SER D 176 -6.65 -19.10 -8.90
N GLU D 177 -6.65 -19.25 -10.21
CA GLU D 177 -7.82 -18.85 -11.03
C GLU D 177 -9.12 -19.51 -10.53
N ARG D 178 -9.03 -20.76 -10.04
CA ARG D 178 -10.20 -21.46 -9.53
C ARG D 178 -10.82 -20.75 -8.33
N GLU D 179 -9.99 -20.27 -7.40
CA GLU D 179 -10.50 -19.51 -6.26
C GLU D 179 -11.05 -18.15 -6.71
N LYS D 180 -10.38 -17.53 -7.69
CA LYS D 180 -10.87 -16.22 -8.14
C LYS D 180 -12.23 -16.37 -8.84
N ARG D 181 -12.38 -17.43 -9.62
CA ARG D 181 -13.68 -17.73 -10.25
C ARG D 181 -14.75 -18.01 -9.21
N ALA D 182 -14.39 -18.76 -8.16
CA ALA D 182 -15.33 -19.05 -7.07
C ALA D 182 -15.77 -17.76 -6.40
N PHE D 183 -14.84 -16.82 -6.22
CA PHE D 183 -15.18 -15.58 -5.53
C PHE D 183 -16.12 -14.73 -6.37
N GLU D 184 -16.00 -14.82 -7.70
CA GLU D 184 -16.97 -14.13 -8.56
C GLU D 184 -18.40 -14.61 -8.32
N ILE D 185 -18.58 -15.91 -8.04
CA ILE D 185 -19.92 -16.42 -7.70
C ILE D 185 -20.40 -15.75 -6.40
N ILE D 186 -19.52 -15.64 -5.42
CA ILE D 186 -19.91 -14.98 -4.16
C ILE D 186 -20.40 -13.56 -4.40
N MSE D 187 -19.62 -12.80 -5.16
CA MSE D 187 -19.96 -11.39 -5.39
C MSE D 187 -21.30 -11.26 -6.10
O MSE D 187 -22.12 -10.39 -5.76
CB MSE D 187 -18.84 -10.69 -6.16
CG MSE D 187 -17.53 -10.58 -5.40
SE MSE D 187 -17.67 -9.52 -3.75
CE MSE D 187 -17.65 -7.73 -4.56
N GLU D 188 -21.56 -12.17 -7.05
CA GLU D 188 -22.82 -12.14 -7.78
C GLU D 188 -23.99 -12.46 -6.86
N LYS D 189 -23.85 -13.52 -6.07
CA LYS D 189 -24.96 -14.01 -5.26
C LYS D 189 -25.32 -13.08 -4.11
N ILE D 190 -24.36 -12.25 -3.68
CA ILE D 190 -24.66 -11.27 -2.63
C ILE D 190 -25.16 -9.94 -3.19
N GLY D 191 -25.25 -9.86 -4.52
CA GLY D 191 -25.76 -8.67 -5.19
C GLY D 191 -24.74 -7.56 -5.43
N GLU D 192 -23.45 -7.92 -5.47
CA GLU D 192 -22.40 -6.95 -5.68
C GLU D 192 -21.82 -6.99 -7.11
N GLY D 193 -22.54 -7.64 -8.01
CA GLY D 193 -22.19 -7.60 -9.42
C GLY D 193 -22.11 -8.96 -10.06
N HIS D 194 -22.73 -9.10 -11.23
CA HIS D 194 -22.72 -10.35 -11.97
C HIS D 194 -21.36 -10.61 -12.58
N HIS D 195 -20.99 -11.89 -12.65
CA HIS D 195 -19.75 -12.26 -13.34
C HIS D 195 -19.97 -12.16 -14.86
N HIS D 196 -18.87 -12.04 -15.59
CA HIS D 196 -18.93 -11.82 -17.05
C HIS D 196 -18.48 -13.03 -17.87
N HIS D 197 -18.63 -14.23 -17.31
CA HIS D 197 -18.25 -15.46 -18.02
C HIS D 197 -19.41 -16.01 -18.81
N HIS D 198 -19.11 -16.96 -19.70
CA HIS D 198 -20.11 -17.49 -20.63
C HIS D 198 -21.28 -18.14 -19.89
N HIS D 199 -20.98 -18.81 -18.79
CA HIS D 199 -21.98 -19.36 -17.88
C HIS D 199 -21.36 -19.52 -16.50
N1 FMN E . 20.26 11.35 -6.09
C2 FMN E . 19.95 10.31 -6.96
O2 FMN E . 20.79 9.41 -7.14
N3 FMN E . 18.72 10.30 -7.61
C4 FMN E . 17.79 11.33 -7.40
O4 FMN E . 16.66 11.25 -7.90
C4A FMN E . 18.12 12.38 -6.54
N5 FMN E . 17.22 13.40 -6.31
C5A FMN E . 17.53 14.43 -5.44
C6 FMN E . 16.62 15.46 -5.22
C7 FMN E . 16.90 16.51 -4.36
C7M FMN E . 15.89 17.62 -4.20
C8 FMN E . 18.14 16.54 -3.70
C8M FMN E . 18.44 17.50 -2.59
C9 FMN E . 19.05 15.51 -3.92
C9A FMN E . 18.76 14.45 -4.78
N10 FMN E . 19.67 13.41 -4.99
C10 FMN E . 19.35 12.38 -5.88
C1' FMN E . 21.00 13.37 -4.27
C2' FMN E . 20.95 12.49 -3.03
O2' FMN E . 19.84 12.82 -2.21
C3' FMN E . 22.25 12.65 -2.22
O3' FMN E . 23.37 12.39 -3.05
C4' FMN E . 22.31 11.76 -0.98
O4' FMN E . 23.57 11.90 -0.35
C5' FMN E . 22.14 10.27 -1.29
O5' FMN E . 22.11 9.63 -0.02
P FMN E . 22.17 8.03 0.15
O1P FMN E . 23.61 7.61 -0.11
O2P FMN E . 21.19 7.40 -0.85
O3P FMN E . 21.81 7.82 1.59
C1 GOL F . 7.93 24.13 -4.85
O1 GOL F . 7.27 22.86 -4.75
C2 GOL F . 7.83 24.90 -3.52
O2 GOL F . 6.59 24.64 -2.92
C3 GOL F . 7.94 26.43 -3.67
O3 GOL F . 7.36 27.10 -2.54
C1 GOL G . 19.74 30.96 -11.85
O1 GOL G . 19.04 32.17 -11.82
C2 GOL G . 21.04 31.22 -11.10
O2 GOL G . 22.13 31.11 -12.00
C3 GOL G . 21.21 30.25 -9.94
O3 GOL G . 20.93 28.94 -10.34
C1 GOL H . 26.79 2.52 -13.23
O1 GOL H . 26.43 2.84 -11.91
C2 GOL H . 25.53 2.59 -14.06
O2 GOL H . 24.57 1.68 -13.56
C3 GOL H . 25.84 2.21 -15.49
O3 GOL H . 24.70 2.47 -16.28
C1 GOL I . -7.06 -23.97 4.80
O1 GOL I . -8.11 -24.77 5.30
C2 GOL I . -6.90 -24.23 3.31
O2 GOL I . -6.69 -25.62 3.11
C3 GOL I . -5.72 -23.40 2.80
O3 GOL I . -5.00 -24.04 1.76
C1 GOL J . -12.06 -10.43 8.30
O1 GOL J . -12.83 -11.39 8.97
C2 GOL J . -11.18 -9.69 9.29
O2 GOL J . -11.95 -8.72 9.97
C3 GOL J . -10.58 -10.65 10.30
O3 GOL J . -9.21 -10.37 10.30
C1 GOL K . -12.81 -6.36 7.58
O1 GOL K . -13.51 -7.16 8.50
C2 GOL K . -11.55 -5.79 8.21
O2 GOL K . -11.66 -5.73 9.62
C3 GOL K . -11.34 -4.39 7.66
O3 GOL K . -9.94 -4.18 7.51
C1 GOL L . -13.67 -8.27 15.16
O1 GOL L . -14.94 -8.64 14.65
C2 GOL L . -12.75 -7.78 14.04
O2 GOL L . -13.37 -7.80 12.76
C3 GOL L . -11.54 -8.69 14.01
O3 GOL L . -10.72 -8.30 12.95
N1 FMN M . -25.39 -24.39 7.52
C2 FMN M . -25.88 -25.15 8.58
O2 FMN M . -27.10 -25.13 8.84
N3 FMN M . -24.98 -25.92 9.33
C4 FMN M . -23.63 -25.93 9.03
O4 FMN M . -22.89 -26.78 9.57
C4A FMN M . -23.15 -25.15 7.97
N5 FMN M . -21.80 -25.14 7.65
C5A FMN M . -21.33 -24.37 6.59
C6 FMN M . -19.95 -24.37 6.29
C7 FMN M . -19.44 -23.62 5.23
C7M FMN M . -17.95 -23.51 5.04
C8 FMN M . -20.33 -22.83 4.48
C8M FMN M . -19.91 -22.19 3.20
C9 FMN M . -21.71 -22.83 4.78
C9A FMN M . -22.22 -23.60 5.83
N10 FMN M . -23.58 -23.62 6.16
C10 FMN M . -24.04 -24.38 7.21
C1' FMN M . -24.56 -22.78 5.37
C2' FMN M . -25.27 -23.58 4.28
O2' FMN M . -24.32 -24.22 3.42
C3' FMN M . -26.12 -22.66 3.40
O3' FMN M . -27.04 -21.94 4.19
C4' FMN M . -26.86 -23.42 2.29
O4' FMN M . -27.61 -22.51 1.50
C5' FMN M . -27.84 -24.46 2.84
O5' FMN M . -28.29 -25.15 1.69
P FMN M . -29.53 -26.18 1.74
O1P FMN M . -30.82 -25.35 1.90
O2P FMN M . -29.26 -27.16 2.91
O3P FMN M . -29.50 -26.83 0.39
C1 GOL N . -35.68 -24.47 15.55
O1 GOL N . -35.28 -24.78 14.22
C2 GOL N . -34.65 -25.07 16.48
O2 GOL N . -34.41 -26.41 16.11
C3 GOL N . -35.20 -25.06 17.90
O3 GOL N . -34.19 -25.49 18.77
#